data_1WHO
# 
_entry.id   1WHO 
# 
_audit_conform.dict_name       mmcif_pdbx.dic 
_audit_conform.dict_version    5.386 
_audit_conform.dict_location   http://mmcif.pdb.org/dictionaries/ascii/mmcif_pdbx.dic 
# 
loop_
_database_2.database_id 
_database_2.database_code 
_database_2.pdbx_database_accession 
_database_2.pdbx_DOI 
PDB   1WHO         pdb_00001who 10.2210/pdb1who/pdb 
WWPDB D_1000177197 ?            ?                   
# 
loop_
_pdbx_audit_revision_history.ordinal 
_pdbx_audit_revision_history.data_content_type 
_pdbx_audit_revision_history.major_revision 
_pdbx_audit_revision_history.minor_revision 
_pdbx_audit_revision_history.revision_date 
1 'Structure model' 1 0 1997-07-07 
2 'Structure model' 1 1 2008-03-24 
3 'Structure model' 1 2 2011-07-13 
4 'Structure model' 1 3 2024-02-14 
# 
_pdbx_audit_revision_details.ordinal             1 
_pdbx_audit_revision_details.revision_ordinal    1 
_pdbx_audit_revision_details.data_content_type   'Structure model' 
_pdbx_audit_revision_details.provider            repository 
_pdbx_audit_revision_details.type                'Initial release' 
_pdbx_audit_revision_details.description         ? 
_pdbx_audit_revision_details.details             ? 
# 
loop_
_pdbx_audit_revision_group.ordinal 
_pdbx_audit_revision_group.revision_ordinal 
_pdbx_audit_revision_group.data_content_type 
_pdbx_audit_revision_group.group 
1 2 'Structure model' 'Version format compliance' 
2 3 'Structure model' 'Version format compliance' 
3 4 'Structure model' 'Data collection'           
4 4 'Structure model' 'Database references'       
# 
loop_
_pdbx_audit_revision_category.ordinal 
_pdbx_audit_revision_category.revision_ordinal 
_pdbx_audit_revision_category.data_content_type 
_pdbx_audit_revision_category.category 
1 4 'Structure model' chem_comp_atom 
2 4 'Structure model' chem_comp_bond 
3 4 'Structure model' database_2     
# 
loop_
_pdbx_audit_revision_item.ordinal 
_pdbx_audit_revision_item.revision_ordinal 
_pdbx_audit_revision_item.data_content_type 
_pdbx_audit_revision_item.item 
1 4 'Structure model' '_database_2.pdbx_DOI'                
2 4 'Structure model' '_database_2.pdbx_database_accession' 
# 
_pdbx_database_status.status_code                     REL 
_pdbx_database_status.entry_id                        1WHO 
_pdbx_database_status.recvd_initial_deposition_date   1997-04-04 
_pdbx_database_status.deposit_site                    ? 
_pdbx_database_status.process_site                    BNL 
_pdbx_database_status.SG_entry                        . 
_pdbx_database_status.pdb_format_compatible           Y 
_pdbx_database_status.status_code_mr                  ? 
_pdbx_database_status.status_code_sf                  ? 
_pdbx_database_status.status_code_cs                  ? 
_pdbx_database_status.status_code_nmr_data            ? 
_pdbx_database_status.methods_development_category    ? 
# 
loop_
_audit_author.name 
_audit_author.pdbx_ordinal 
'Fedorov, A.A.' 1 
'Fedorov, E.V.' 2 
'Dolecek, C.'   3 
'Susani, M.'    4 
'Valenta, R.'   5 
'Almo, S.C.'    6 
# 
loop_
_citation.id 
_citation.title 
_citation.journal_abbrev 
_citation.journal_volume 
_citation.page_first 
_citation.page_last 
_citation.year 
_citation.journal_id_ASTM 
_citation.country 
_citation.journal_id_ISSN 
_citation.journal_id_CSD 
_citation.book_publisher 
_citation.pdbx_database_id_PubMed 
_citation.pdbx_database_id_DOI 
primary 'Crystal Structure of Phl P 2, a Major Timothy Grass (Phleum Pratense) Pollen Allergen'           'To be Published' ?   ? 
? ?    ?      ?  ?         0353 ? ? ? 
1       'Molecular Characterization of Phl P II, a Major Timothy Grass (Phleum Pratense) Pollen Allergen' 'FEBS Lett.'      335 
299 ? 1993 FEBLAL NE 0014-5793 0165 ? ? ? 
# 
loop_
_citation_author.citation_id 
_citation_author.name 
_citation_author.ordinal 
_citation_author.identifier_ORCID 
primary 'Fedorov, A.A.'   1  ? 
primary 'Fedorov, E.V.'   2  ? 
primary 'Dolecek, C.'     3  ? 
primary 'Susani, M.'      4  ? 
primary 'Valenta, R.'     5  ? 
primary 'Almo, S.C.'      6  ? 
1       'Dolecek, C.'     7  ? 
1       'Vrtala, S.'      8  ? 
1       'Laffer, S.'      9  ? 
1       'Steinberger, P.' 10 ? 
1       'Kraft, D.'       11 ? 
1       'Scheiner, O.'    12 ? 
1       'Valenta, R.'     13 ? 
# 
loop_
_entity.id 
_entity.type 
_entity.src_method 
_entity.pdbx_description 
_entity.formula_weight 
_entity.pdbx_number_of_molecules 
_entity.pdbx_ec 
_entity.pdbx_mutation 
_entity.pdbx_fragment 
_entity.details 
1 polymer man 'ALLERGEN PHL P 2' 10828.056 1  ? ? ? ? 
2 water   nat water              18.015    57 ? ? ? ? 
# 
_entity_name_com.entity_id   1 
_entity_name_com.name        'PHL P II' 
# 
_entity_poly.entity_id                      1 
_entity_poly.type                           'polypeptide(L)' 
_entity_poly.nstd_linkage                   no 
_entity_poly.nstd_monomer                   no 
_entity_poly.pdbx_seq_one_letter_code       
;VPKVTFTVEKGSNEKHLAVLVKYEGDTMAEVELREHGSDEWVAMTKGEGGVWTFDSEEPLQGPFNFRFLTEKGMKNVFDD
VVPEKYTIGATYAPEE
;
_entity_poly.pdbx_seq_one_letter_code_can   
;VPKVTFTVEKGSNEKHLAVLVKYEGDTMAEVELREHGSDEWVAMTKGEGGVWTFDSEEPLQGPFNFRFLTEKGMKNVFDD
VVPEKYTIGATYAPEE
;
_entity_poly.pdbx_strand_id                 A 
_entity_poly.pdbx_target_identifier         ? 
# 
_pdbx_entity_nonpoly.entity_id   2 
_pdbx_entity_nonpoly.name        water 
_pdbx_entity_nonpoly.comp_id     HOH 
# 
loop_
_entity_poly_seq.entity_id 
_entity_poly_seq.num 
_entity_poly_seq.mon_id 
_entity_poly_seq.hetero 
1 1  VAL n 
1 2  PRO n 
1 3  LYS n 
1 4  VAL n 
1 5  THR n 
1 6  PHE n 
1 7  THR n 
1 8  VAL n 
1 9  GLU n 
1 10 LYS n 
1 11 GLY n 
1 12 SER n 
1 13 ASN n 
1 14 GLU n 
1 15 LYS n 
1 16 HIS n 
1 17 LEU n 
1 18 ALA n 
1 19 VAL n 
1 20 LEU n 
1 21 VAL n 
1 22 LYS n 
1 23 TYR n 
1 24 GLU n 
1 25 GLY n 
1 26 ASP n 
1 27 THR n 
1 28 MET n 
1 29 ALA n 
1 30 GLU n 
1 31 VAL n 
1 32 GLU n 
1 33 LEU n 
1 34 ARG n 
1 35 GLU n 
1 36 HIS n 
1 37 GLY n 
1 38 SER n 
1 39 ASP n 
1 40 GLU n 
1 41 TRP n 
1 42 VAL n 
1 43 ALA n 
1 44 MET n 
1 45 THR n 
1 46 LYS n 
1 47 GLY n 
1 48 GLU n 
1 49 GLY n 
1 50 GLY n 
1 51 VAL n 
1 52 TRP n 
1 53 THR n 
1 54 PHE n 
1 55 ASP n 
1 56 SER n 
1 57 GLU n 
1 58 GLU n 
1 59 PRO n 
1 60 LEU n 
1 61 GLN n 
1 62 GLY n 
1 63 PRO n 
1 64 PHE n 
1 65 ASN n 
1 66 PHE n 
1 67 ARG n 
1 68 PHE n 
1 69 LEU n 
1 70 THR n 
1 71 GLU n 
1 72 LYS n 
1 73 GLY n 
1 74 MET n 
1 75 LYS n 
1 76 ASN n 
1 77 VAL n 
1 78 PHE n 
1 79 ASP n 
1 80 ASP n 
1 81 VAL n 
1 82 VAL n 
1 83 PRO n 
1 84 GLU n 
1 85 LYS n 
1 86 TYR n 
1 87 THR n 
1 88 ILE n 
1 89 GLY n 
1 90 ALA n 
1 91 THR n 
1 92 TYR n 
1 93 ALA n 
1 94 PRO n 
1 95 GLU n 
1 96 GLU n 
# 
_entity_src_gen.entity_id                          1 
_entity_src_gen.pdbx_src_id                        1 
_entity_src_gen.pdbx_alt_source_flag               sample 
_entity_src_gen.pdbx_seq_type                      ? 
_entity_src_gen.pdbx_beg_seq_num                   ? 
_entity_src_gen.pdbx_end_seq_num                   ? 
_entity_src_gen.gene_src_common_name               'timothy grass' 
_entity_src_gen.gene_src_genus                     Phleum 
_entity_src_gen.pdbx_gene_src_gene                 ? 
_entity_src_gen.gene_src_species                   ? 
_entity_src_gen.gene_src_strain                    ? 
_entity_src_gen.gene_src_tissue                    ? 
_entity_src_gen.gene_src_tissue_fraction           ? 
_entity_src_gen.gene_src_details                   ? 
_entity_src_gen.pdbx_gene_src_fragment             ? 
_entity_src_gen.pdbx_gene_src_scientific_name      'Phleum pratense' 
_entity_src_gen.pdbx_gene_src_ncbi_taxonomy_id     15957 
_entity_src_gen.pdbx_gene_src_variant              ? 
_entity_src_gen.pdbx_gene_src_cell_line            ? 
_entity_src_gen.pdbx_gene_src_atcc                 ? 
_entity_src_gen.pdbx_gene_src_organ                ? 
_entity_src_gen.pdbx_gene_src_organelle            ? 
_entity_src_gen.pdbx_gene_src_cell                 ? 
_entity_src_gen.pdbx_gene_src_cellular_location    ? 
_entity_src_gen.host_org_common_name               ? 
_entity_src_gen.pdbx_host_org_scientific_name      'Escherichia coli' 
_entity_src_gen.pdbx_host_org_ncbi_taxonomy_id     562 
_entity_src_gen.host_org_genus                     Escherichia 
_entity_src_gen.pdbx_host_org_gene                 ? 
_entity_src_gen.pdbx_host_org_organ                ? 
_entity_src_gen.host_org_species                   ? 
_entity_src_gen.pdbx_host_org_tissue               ? 
_entity_src_gen.pdbx_host_org_tissue_fraction      ? 
_entity_src_gen.pdbx_host_org_strain               ? 
_entity_src_gen.pdbx_host_org_variant              ? 
_entity_src_gen.pdbx_host_org_cell_line            ? 
_entity_src_gen.pdbx_host_org_atcc                 ? 
_entity_src_gen.pdbx_host_org_culture_collection   ? 
_entity_src_gen.pdbx_host_org_cell                 ? 
_entity_src_gen.pdbx_host_org_organelle            ? 
_entity_src_gen.pdbx_host_org_cellular_location    ? 
_entity_src_gen.pdbx_host_org_vector_type          ? 
_entity_src_gen.pdbx_host_org_vector               ? 
_entity_src_gen.host_org_details                   ? 
_entity_src_gen.expression_system_id               ? 
_entity_src_gen.plasmid_name                       ? 
_entity_src_gen.plasmid_details                    ? 
_entity_src_gen.pdbx_description                   ? 
# 
loop_
_chem_comp.id 
_chem_comp.type 
_chem_comp.mon_nstd_flag 
_chem_comp.name 
_chem_comp.pdbx_synonyms 
_chem_comp.formula 
_chem_comp.formula_weight 
ALA 'L-peptide linking' y ALANINE         ? 'C3 H7 N O2'     89.093  
ARG 'L-peptide linking' y ARGININE        ? 'C6 H15 N4 O2 1' 175.209 
ASN 'L-peptide linking' y ASPARAGINE      ? 'C4 H8 N2 O3'    132.118 
ASP 'L-peptide linking' y 'ASPARTIC ACID' ? 'C4 H7 N O4'     133.103 
GLN 'L-peptide linking' y GLUTAMINE       ? 'C5 H10 N2 O3'   146.144 
GLU 'L-peptide linking' y 'GLUTAMIC ACID' ? 'C5 H9 N O4'     147.129 
GLY 'peptide linking'   y GLYCINE         ? 'C2 H5 N O2'     75.067  
HIS 'L-peptide linking' y HISTIDINE       ? 'C6 H10 N3 O2 1' 156.162 
HOH non-polymer         . WATER           ? 'H2 O'           18.015  
ILE 'L-peptide linking' y ISOLEUCINE      ? 'C6 H13 N O2'    131.173 
LEU 'L-peptide linking' y LEUCINE         ? 'C6 H13 N O2'    131.173 
LYS 'L-peptide linking' y LYSINE          ? 'C6 H15 N2 O2 1' 147.195 
MET 'L-peptide linking' y METHIONINE      ? 'C5 H11 N O2 S'  149.211 
PHE 'L-peptide linking' y PHENYLALANINE   ? 'C9 H11 N O2'    165.189 
PRO 'L-peptide linking' y PROLINE         ? 'C5 H9 N O2'     115.130 
SER 'L-peptide linking' y SERINE          ? 'C3 H7 N O3'     105.093 
THR 'L-peptide linking' y THREONINE       ? 'C4 H9 N O3'     119.119 
TRP 'L-peptide linking' y TRYPTOPHAN      ? 'C11 H12 N2 O2'  204.225 
TYR 'L-peptide linking' y TYROSINE        ? 'C9 H11 N O3'    181.189 
VAL 'L-peptide linking' y VALINE          ? 'C5 H11 N O2'    117.146 
# 
loop_
_pdbx_poly_seq_scheme.asym_id 
_pdbx_poly_seq_scheme.entity_id 
_pdbx_poly_seq_scheme.seq_id 
_pdbx_poly_seq_scheme.mon_id 
_pdbx_poly_seq_scheme.ndb_seq_num 
_pdbx_poly_seq_scheme.pdb_seq_num 
_pdbx_poly_seq_scheme.auth_seq_num 
_pdbx_poly_seq_scheme.pdb_mon_id 
_pdbx_poly_seq_scheme.auth_mon_id 
_pdbx_poly_seq_scheme.pdb_strand_id 
_pdbx_poly_seq_scheme.pdb_ins_code 
_pdbx_poly_seq_scheme.hetero 
A 1 1  VAL 1  1  1  VAL VAL A . n 
A 1 2  PRO 2  2  2  PRO PRO A . n 
A 1 3  LYS 3  3  3  LYS LYS A . n 
A 1 4  VAL 4  4  4  VAL VAL A . n 
A 1 5  THR 5  5  5  THR THR A . n 
A 1 6  PHE 6  6  6  PHE PHE A . n 
A 1 7  THR 7  7  7  THR THR A . n 
A 1 8  VAL 8  8  8  VAL VAL A . n 
A 1 9  GLU 9  9  9  GLU GLU A . n 
A 1 10 LYS 10 10 10 LYS LYS A . n 
A 1 11 GLY 11 11 11 GLY GLY A . n 
A 1 12 SER 12 12 12 SER SER A . n 
A 1 13 ASN 13 13 13 ASN ASN A . n 
A 1 14 GLU 14 14 14 GLU GLU A . n 
A 1 15 LYS 15 15 15 LYS LYS A . n 
A 1 16 HIS 16 16 16 HIS HIS A . n 
A 1 17 LEU 17 17 17 LEU LEU A . n 
A 1 18 ALA 18 18 18 ALA ALA A . n 
A 1 19 VAL 19 19 19 VAL VAL A . n 
A 1 20 LEU 20 20 20 LEU LEU A . n 
A 1 21 VAL 21 21 21 VAL VAL A . n 
A 1 22 LYS 22 22 22 LYS LYS A . n 
A 1 23 TYR 23 23 23 TYR TYR A . n 
A 1 24 GLU 24 24 24 GLU GLU A . n 
A 1 25 GLY 25 25 25 GLY GLY A . n 
A 1 26 ASP 26 26 26 ASP ASP A . n 
A 1 27 THR 27 27 27 THR THR A . n 
A 1 28 MET 28 28 28 MET MET A . n 
A 1 29 ALA 29 29 29 ALA ALA A . n 
A 1 30 GLU 30 30 30 GLU GLU A . n 
A 1 31 VAL 31 31 31 VAL VAL A . n 
A 1 32 GLU 32 32 32 GLU GLU A . n 
A 1 33 LEU 33 33 33 LEU LEU A . n 
A 1 34 ARG 34 34 34 ARG ARG A . n 
A 1 35 GLU 35 35 35 GLU GLU A . n 
A 1 36 HIS 36 36 36 HIS HIS A . n 
A 1 37 GLY 37 37 37 GLY GLY A . n 
A 1 38 SER 38 38 38 SER SER A . n 
A 1 39 ASP 39 39 39 ASP ASP A . n 
A 1 40 GLU 40 40 40 GLU GLU A . n 
A 1 41 TRP 41 41 41 TRP TRP A . n 
A 1 42 VAL 42 42 42 VAL VAL A . n 
A 1 43 ALA 43 43 43 ALA ALA A . n 
A 1 44 MET 44 44 44 MET MET A . n 
A 1 45 THR 45 45 45 THR THR A . n 
A 1 46 LYS 46 46 46 LYS LYS A . n 
A 1 47 GLY 47 47 47 GLY GLY A . n 
A 1 48 GLU 48 48 48 GLU GLU A . n 
A 1 49 GLY 49 49 49 GLY GLY A . n 
A 1 50 GLY 50 50 50 GLY GLY A . n 
A 1 51 VAL 51 51 51 VAL VAL A . n 
A 1 52 TRP 52 52 52 TRP TRP A . n 
A 1 53 THR 53 53 53 THR THR A . n 
A 1 54 PHE 54 54 54 PHE PHE A . n 
A 1 55 ASP 55 55 55 ASP ASP A . n 
A 1 56 SER 56 56 56 SER SER A . n 
A 1 57 GLU 57 57 57 GLU GLU A . n 
A 1 58 GLU 58 58 58 GLU GLU A . n 
A 1 59 PRO 59 59 59 PRO PRO A . n 
A 1 60 LEU 60 60 60 LEU LEU A . n 
A 1 61 GLN 61 61 61 GLN GLN A . n 
A 1 62 GLY 62 62 62 GLY GLY A . n 
A 1 63 PRO 63 63 63 PRO PRO A . n 
A 1 64 PHE 64 64 64 PHE PHE A . n 
A 1 65 ASN 65 65 65 ASN ASN A . n 
A 1 66 PHE 66 66 66 PHE PHE A . n 
A 1 67 ARG 67 67 67 ARG ARG A . n 
A 1 68 PHE 68 68 68 PHE PHE A . n 
A 1 69 LEU 69 69 69 LEU LEU A . n 
A 1 70 THR 70 70 70 THR THR A . n 
A 1 71 GLU 71 71 71 GLU GLU A . n 
A 1 72 LYS 72 72 72 LYS LYS A . n 
A 1 73 GLY 73 73 73 GLY GLY A . n 
A 1 74 MET 74 74 74 MET MET A . n 
A 1 75 LYS 75 75 75 LYS LYS A . n 
A 1 76 ASN 76 76 76 ASN ASN A . n 
A 1 77 VAL 77 77 77 VAL VAL A . n 
A 1 78 PHE 78 78 78 PHE PHE A . n 
A 1 79 ASP 79 79 79 ASP ASP A . n 
A 1 80 ASP 80 80 80 ASP ASP A . n 
A 1 81 VAL 81 81 81 VAL VAL A . n 
A 1 82 VAL 82 82 82 VAL VAL A . n 
A 1 83 PRO 83 83 83 PRO PRO A . n 
A 1 84 GLU 84 84 84 GLU GLU A . n 
A 1 85 LYS 85 85 85 LYS LYS A . n 
A 1 86 TYR 86 86 86 TYR TYR A . n 
A 1 87 THR 87 87 87 THR THR A . n 
A 1 88 ILE 88 88 88 ILE ILE A . n 
A 1 89 GLY 89 89 89 GLY GLY A . n 
A 1 90 ALA 90 90 90 ALA ALA A . n 
A 1 91 THR 91 91 91 THR THR A . n 
A 1 92 TYR 92 92 92 TYR TYR A . n 
A 1 93 ALA 93 93 93 ALA ALA A . n 
A 1 94 PRO 94 94 94 PRO PRO A . n 
A 1 95 GLU 95 95 ?  ?   ?   A . n 
A 1 96 GLU 96 96 ?  ?   ?   A . n 
# 
loop_
_pdbx_nonpoly_scheme.asym_id 
_pdbx_nonpoly_scheme.entity_id 
_pdbx_nonpoly_scheme.mon_id 
_pdbx_nonpoly_scheme.ndb_seq_num 
_pdbx_nonpoly_scheme.pdb_seq_num 
_pdbx_nonpoly_scheme.auth_seq_num 
_pdbx_nonpoly_scheme.pdb_mon_id 
_pdbx_nonpoly_scheme.auth_mon_id 
_pdbx_nonpoly_scheme.pdb_strand_id 
_pdbx_nonpoly_scheme.pdb_ins_code 
B 2 HOH 1  101 101 HOH HOH A . 
B 2 HOH 2  102 102 HOH HOH A . 
B 2 HOH 3  103 103 HOH HOH A . 
B 2 HOH 4  104 104 HOH HOH A . 
B 2 HOH 5  105 105 HOH HOH A . 
B 2 HOH 6  106 106 HOH HOH A . 
B 2 HOH 7  107 107 HOH HOH A . 
B 2 HOH 8  108 108 HOH HOH A . 
B 2 HOH 9  109 109 HOH HOH A . 
B 2 HOH 10 110 110 HOH HOH A . 
B 2 HOH 11 111 111 HOH HOH A . 
B 2 HOH 12 112 112 HOH HOH A . 
B 2 HOH 13 113 113 HOH HOH A . 
B 2 HOH 14 114 114 HOH HOH A . 
B 2 HOH 15 115 115 HOH HOH A . 
B 2 HOH 16 116 116 HOH HOH A . 
B 2 HOH 17 117 117 HOH HOH A . 
B 2 HOH 18 118 118 HOH HOH A . 
B 2 HOH 19 119 119 HOH HOH A . 
B 2 HOH 20 120 120 HOH HOH A . 
B 2 HOH 21 121 121 HOH HOH A . 
B 2 HOH 22 122 122 HOH HOH A . 
B 2 HOH 23 123 123 HOH HOH A . 
B 2 HOH 24 124 124 HOH HOH A . 
B 2 HOH 25 125 125 HOH HOH A . 
B 2 HOH 26 126 126 HOH HOH A . 
B 2 HOH 27 127 127 HOH HOH A . 
B 2 HOH 28 128 128 HOH HOH A . 
B 2 HOH 29 129 129 HOH HOH A . 
B 2 HOH 30 130 130 HOH HOH A . 
B 2 HOH 31 131 131 HOH HOH A . 
B 2 HOH 32 132 132 HOH HOH A . 
B 2 HOH 33 133 133 HOH HOH A . 
B 2 HOH 34 134 134 HOH HOH A . 
B 2 HOH 35 135 135 HOH HOH A . 
B 2 HOH 36 136 136 HOH HOH A . 
B 2 HOH 37 137 137 HOH HOH A . 
B 2 HOH 38 138 138 HOH HOH A . 
B 2 HOH 39 139 139 HOH HOH A . 
B 2 HOH 40 140 140 HOH HOH A . 
B 2 HOH 41 141 141 HOH HOH A . 
B 2 HOH 42 142 142 HOH HOH A . 
B 2 HOH 43 143 143 HOH HOH A . 
B 2 HOH 44 144 144 HOH HOH A . 
B 2 HOH 45 145 145 HOH HOH A . 
B 2 HOH 46 146 146 HOH HOH A . 
B 2 HOH 47 147 147 HOH HOH A . 
B 2 HOH 48 148 148 HOH HOH A . 
B 2 HOH 49 149 149 HOH HOH A . 
B 2 HOH 50 150 150 HOH HOH A . 
B 2 HOH 51 151 151 HOH HOH A . 
B 2 HOH 52 152 152 HOH HOH A . 
B 2 HOH 53 153 153 HOH HOH A . 
B 2 HOH 54 154 154 HOH HOH A . 
B 2 HOH 55 155 155 HOH HOH A . 
B 2 HOH 56 156 156 HOH HOH A . 
B 2 HOH 57 157 157 HOH HOH A . 
# 
loop_
_software.name 
_software.classification 
_software.version 
_software.citation_id 
_software.pdbx_ordinal 
PHASES phasing          . ? 1 
PROFFT refinement       . ? 2 
XDS    'data reduction' . ? 3 
XSCALE 'data scaling'   . ? 4 
# 
_cell.entry_id           1WHO 
_cell.length_a           39.312 
_cell.length_b           64.605 
_cell.length_c           36.090 
_cell.angle_alpha        90.00 
_cell.angle_beta         90.00 
_cell.angle_gamma        90.00 
_cell.Z_PDB              4 
_cell.pdbx_unique_axis   ? 
# 
_symmetry.entry_id                         1WHO 
_symmetry.space_group_name_H-M             'P 21 21 2' 
_symmetry.pdbx_full_space_group_name_H-M   ? 
_symmetry.cell_setting                     ? 
_symmetry.Int_Tables_number                18 
# 
_exptl.entry_id          1WHO 
_exptl.method            'X-RAY DIFFRACTION' 
_exptl.crystals_number   1 
# 
_exptl_crystal.id                    1 
_exptl_crystal.density_meas          ? 
_exptl_crystal.density_Matthews      2.11 
_exptl_crystal.density_percent_sol   42.0 
_exptl_crystal.description           ? 
# 
_exptl_crystal_grow.crystal_id      1 
_exptl_crystal_grow.method          ? 
_exptl_crystal_grow.temp            ? 
_exptl_crystal_grow.temp_details    ? 
_exptl_crystal_grow.pH              4.6 
_exptl_crystal_grow.pdbx_pH_range   ? 
_exptl_crystal_grow.pdbx_details    'CRYSTALLIZED FROM 24% PEG 4000 SOLUTION., pH 4.6' 
# 
_diffrn.id                     1 
_diffrn.ambient_temp           290 
_diffrn.ambient_temp_details   ? 
_diffrn.crystal_id             1 
# 
_diffrn_detector.diffrn_id              1 
_diffrn_detector.detector               'AREA DETECTOR' 
_diffrn_detector.type                   'SIEMENS-NICOLET X100' 
_diffrn_detector.pdbx_collection_date   1995 
_diffrn_detector.details                ? 
# 
_diffrn_radiation.diffrn_id                        1 
_diffrn_radiation.wavelength_id                    1 
_diffrn_radiation.pdbx_monochromatic_or_laue_m_l   M 
_diffrn_radiation.monochromator                    'GRAPHITE(002)' 
_diffrn_radiation.pdbx_diffrn_protocol             ? 
_diffrn_radiation.pdbx_scattering_type             x-ray 
# 
_diffrn_radiation_wavelength.id           1 
_diffrn_radiation_wavelength.wavelength   1.5418 
_diffrn_radiation_wavelength.wt           1.0 
# 
_diffrn_source.diffrn_id                   1 
_diffrn_source.source                      'ROTATING ANODE' 
_diffrn_source.type                        'RIGAKU RUH2R' 
_diffrn_source.pdbx_synchrotron_site       ? 
_diffrn_source.pdbx_synchrotron_beamline   ? 
_diffrn_source.pdbx_wavelength             1.5418 
_diffrn_source.pdbx_wavelength_list        ? 
# 
_reflns.entry_id                     1WHO 
_reflns.observed_criterion_sigma_I   2.0 
_reflns.observed_criterion_sigma_F   ? 
_reflns.d_resolution_low             24.0 
_reflns.d_resolution_high            1.9 
_reflns.number_obs                   6392 
_reflns.number_all                   ? 
_reflns.percent_possible_obs         83.3 
_reflns.pdbx_Rmerge_I_obs            0.0380000 
_reflns.pdbx_Rsym_value              ? 
_reflns.pdbx_netI_over_sigmaI        ? 
_reflns.B_iso_Wilson_estimate        ? 
_reflns.pdbx_redundancy              2.7 
_reflns.pdbx_diffrn_id               1 
_reflns.pdbx_ordinal                 1 
# 
_refine.entry_id                                 1WHO 
_refine.ls_number_reflns_obs                     6038 
_refine.ls_number_reflns_all                     ? 
_refine.pdbx_ls_sigma_I                          ? 
_refine.pdbx_ls_sigma_F                          2.0 
_refine.pdbx_data_cutoff_high_absF               ? 
_refine.pdbx_data_cutoff_low_absF                ? 
_refine.pdbx_data_cutoff_high_rms_absF           ? 
_refine.ls_d_res_low                             8.0 
_refine.ls_d_res_high                            1.9 
_refine.ls_percent_reflns_obs                    81.2 
_refine.ls_R_factor_obs                          ? 
_refine.ls_R_factor_all                          ? 
_refine.ls_R_factor_R_work                       0.1820000 
_refine.ls_R_factor_R_free                       ? 
_refine.ls_R_factor_R_free_error                 ? 
_refine.ls_R_factor_R_free_error_details         ? 
_refine.ls_percent_reflns_R_free                 ? 
_refine.ls_number_reflns_R_free                  ? 
_refine.ls_number_parameters                     ? 
_refine.ls_number_restraints                     ? 
_refine.occupancy_min                            ? 
_refine.occupancy_max                            ? 
_refine.B_iso_mean                               20.4 
_refine.aniso_B[1][1]                            ? 
_refine.aniso_B[2][2]                            ? 
_refine.aniso_B[3][3]                            ? 
_refine.aniso_B[1][2]                            ? 
_refine.aniso_B[1][3]                            ? 
_refine.aniso_B[2][3]                            ? 
_refine.solvent_model_details                    ? 
_refine.solvent_model_param_ksol                 ? 
_refine.solvent_model_param_bsol                 ? 
_refine.pdbx_ls_cross_valid_method               ? 
_refine.details                                  ? 
_refine.pdbx_starting_model                      ? 
_refine.pdbx_method_to_determine_struct          MIR 
_refine.pdbx_isotropic_thermal_model             ? 
_refine.pdbx_stereochemistry_target_values       ? 
_refine.pdbx_stereochem_target_val_spec_case     ? 
_refine.pdbx_R_Free_selection_details            ? 
_refine.pdbx_overall_ESU_R                       ? 
_refine.pdbx_overall_ESU_R_Free                  ? 
_refine.overall_SU_ML                            ? 
_refine.overall_SU_B                             ? 
_refine.pdbx_refine_id                           'X-RAY DIFFRACTION' 
_refine.pdbx_diffrn_id                           1 
_refine.pdbx_TLS_residual_ADP_flag               ? 
_refine.correlation_coeff_Fo_to_Fc               ? 
_refine.correlation_coeff_Fo_to_Fc_free          ? 
_refine.pdbx_solvent_vdw_probe_radii             ? 
_refine.pdbx_solvent_ion_probe_radii             ? 
_refine.pdbx_solvent_shrinkage_radii             ? 
_refine.pdbx_overall_phase_error                 ? 
_refine.overall_SU_R_Cruickshank_DPI             ? 
_refine.pdbx_overall_SU_R_free_Cruickshank_DPI   ? 
_refine.pdbx_overall_SU_R_Blow_DPI               ? 
_refine.pdbx_overall_SU_R_free_Blow_DPI          ? 
# 
_refine_hist.pdbx_refine_id                   'X-RAY DIFFRACTION' 
_refine_hist.cycle_id                         LAST 
_refine_hist.pdbx_number_atoms_protein        745 
_refine_hist.pdbx_number_atoms_nucleic_acid   0 
_refine_hist.pdbx_number_atoms_ligand         0 
_refine_hist.number_atoms_solvent             57 
_refine_hist.number_atoms_total               802 
_refine_hist.d_res_high                       1.9 
_refine_hist.d_res_low                        8.0 
# 
loop_
_refine_ls_restr.type 
_refine_ls_restr.dev_ideal 
_refine_ls_restr.dev_ideal_target 
_refine_ls_restr.weight 
_refine_ls_restr.number 
_refine_ls_restr.pdbx_refine_id 
_refine_ls_restr.pdbx_restraint_function 
p_bond_d            0.010 0.018 ? ? 'X-RAY DIFFRACTION' ? 
p_angle_d           0.027 0.030 ? ? 'X-RAY DIFFRACTION' ? 
p_angle_deg         ?     ?     ? ? 'X-RAY DIFFRACTION' ? 
p_planar_d          0.033 0.050 ? ? 'X-RAY DIFFRACTION' ? 
p_hb_or_metal_coord ?     ?     ? ? 'X-RAY DIFFRACTION' ? 
p_mcbond_it         1.551 1.500 ? ? 'X-RAY DIFFRACTION' ? 
p_mcangle_it        2.501 2.000 ? ? 'X-RAY DIFFRACTION' ? 
p_scbond_it         3.058 2.000 ? ? 'X-RAY DIFFRACTION' ? 
p_scangle_it        4.776 3.000 ? ? 'X-RAY DIFFRACTION' ? 
p_plane_restr       0.011 0.020 ? ? 'X-RAY DIFFRACTION' ? 
p_chiral_restr      0.129 0.150 ? ? 'X-RAY DIFFRACTION' ? 
p_singtor_nbd       0.168 0.300 ? ? 'X-RAY DIFFRACTION' ? 
p_multtor_nbd       0.235 0.300 ? ? 'X-RAY DIFFRACTION' ? 
p_xhyhbond_nbd      ?     ?     ? ? 'X-RAY DIFFRACTION' ? 
p_xyhbond_nbd       0.144 0.300 ? ? 'X-RAY DIFFRACTION' ? 
p_planar_tor        1.5   2.0   ? ? 'X-RAY DIFFRACTION' ? 
p_staggered_tor     17.40 10.0  ? ? 'X-RAY DIFFRACTION' ? 
p_orthonormal_tor   ?     ?     ? ? 'X-RAY DIFFRACTION' ? 
p_transverse_tor    12.90 10.0  ? ? 'X-RAY DIFFRACTION' ? 
p_special_tor       ?     ?     ? ? 'X-RAY DIFFRACTION' ? 
# 
_pdbx_refine.entry_id                                    1WHO 
_pdbx_refine.R_factor_all_no_cutoff                      ? 
_pdbx_refine.R_factor_obs_no_cutoff                      0.1920000 
_pdbx_refine.free_R_factor_no_cutoff                     ? 
_pdbx_refine.free_R_val_test_set_size_perc_no_cutoff     ? 
_pdbx_refine.free_R_val_test_set_ct_no_cutoff            ? 
_pdbx_refine.R_factor_all_4sig_cutoff                    ? 
_pdbx_refine.R_factor_obs_4sig_cutoff                    ? 
_pdbx_refine.free_R_factor_4sig_cutoff                   ? 
_pdbx_refine.free_R_val_test_set_size_perc_4sig_cutoff   ? 
_pdbx_refine.free_R_val_test_set_ct_4sig_cutoff          ? 
_pdbx_refine.number_reflns_obs_4sig_cutoff               ? 
_pdbx_refine.pdbx_refine_id                              'X-RAY DIFFRACTION' 
_pdbx_refine.free_R_error_no_cutoff                      ? 
# 
loop_
_pdbx_xplor_file.serial_no 
_pdbx_xplor_file.param_file 
_pdbx_xplor_file.topol_file 
_pdbx_xplor_file.pdbx_refine_id 
1 PARHCSDX.PRO TOPH19.PEP 'X-RAY DIFFRACTION' 
2 PARAM19.SOL  TOPH19.SOL 'X-RAY DIFFRACTION' 
# 
_struct.entry_id                  1WHO 
_struct.title                     'ALLERGEN PHL P 2' 
_struct.pdbx_model_details        ? 
_struct.pdbx_CASP_flag            ? 
_struct.pdbx_model_type_details   ? 
# 
_struct_keywords.entry_id        1WHO 
_struct_keywords.pdbx_keywords   ALLERGEN 
_struct_keywords.text            'TIMOTHY GRASS POLLEN ALLERGEN, ALLERGEN' 
# 
loop_
_struct_asym.id 
_struct_asym.pdbx_blank_PDB_chainid_flag 
_struct_asym.pdbx_modified 
_struct_asym.entity_id 
_struct_asym.details 
A N N 1 ? 
B N N 2 ? 
# 
_struct_ref.id                         1 
_struct_ref.db_name                    UNP 
_struct_ref.db_code                    MPAP2_PHLPR 
_struct_ref.entity_id                  1 
_struct_ref.pdbx_db_accession          P43214 
_struct_ref.pdbx_align_begin           1 
_struct_ref.pdbx_seq_one_letter_code   
;MSMASSSSSSLLAMAVLAALFAGAWCVPKVTFTVEKGSNEKHLAVLVKYEGDTMAEVELREHGSDEWVAMTKGEGGVWTF
DSEEPLQGPFNFRFLTEKGMKNVFDDVVPEKYTIGATYAPEE
;
_struct_ref.pdbx_db_isoform            ? 
# 
_struct_ref_seq.align_id                      1 
_struct_ref_seq.ref_id                        1 
_struct_ref_seq.pdbx_PDB_id_code              1WHO 
_struct_ref_seq.pdbx_strand_id                A 
_struct_ref_seq.seq_align_beg                 1 
_struct_ref_seq.pdbx_seq_align_beg_ins_code   ? 
_struct_ref_seq.seq_align_end                 96 
_struct_ref_seq.pdbx_seq_align_end_ins_code   ? 
_struct_ref_seq.pdbx_db_accession             P43214 
_struct_ref_seq.db_align_beg                  27 
_struct_ref_seq.pdbx_db_align_beg_ins_code    ? 
_struct_ref_seq.db_align_end                  122 
_struct_ref_seq.pdbx_db_align_end_ins_code    ? 
_struct_ref_seq.pdbx_auth_seq_align_beg       1 
_struct_ref_seq.pdbx_auth_seq_align_end       96 
# 
_pdbx_struct_assembly.id                   1 
_pdbx_struct_assembly.details              author_defined_assembly 
_pdbx_struct_assembly.method_details       ? 
_pdbx_struct_assembly.oligomeric_details   dimeric 
_pdbx_struct_assembly.oligomeric_count     2 
# 
_pdbx_struct_assembly_gen.assembly_id       1 
_pdbx_struct_assembly_gen.oper_expression   1,2 
_pdbx_struct_assembly_gen.asym_id_list      A,B 
# 
loop_
_pdbx_struct_oper_list.id 
_pdbx_struct_oper_list.type 
_pdbx_struct_oper_list.name 
_pdbx_struct_oper_list.symmetry_operation 
_pdbx_struct_oper_list.matrix[1][1] 
_pdbx_struct_oper_list.matrix[1][2] 
_pdbx_struct_oper_list.matrix[1][3] 
_pdbx_struct_oper_list.vector[1] 
_pdbx_struct_oper_list.matrix[2][1] 
_pdbx_struct_oper_list.matrix[2][2] 
_pdbx_struct_oper_list.matrix[2][3] 
_pdbx_struct_oper_list.vector[2] 
_pdbx_struct_oper_list.matrix[3][1] 
_pdbx_struct_oper_list.matrix[3][2] 
_pdbx_struct_oper_list.matrix[3][3] 
_pdbx_struct_oper_list.vector[3] 
1 'identity operation'         1_555 x,y,z     1.0000000000  0.0000000000  0.0000000000  0.0000000000  0.0000000000  1.0000000000 0.0000000000 0.0000000000 0.0000000000  0.0000000000 1.0000000000  0.0000000000   
2 'crystal symmetry operation' 2_565 -x,-y+1,z -0.9990931382 -0.0410643546 -0.0112525574 21.6023924064 -0.0410643546 0.8594687292 0.5095362817 3.6006818458 -0.0112525574 0.5095362817 -0.8603755910 -11.3991234845 
# 
_struct_biol.id   1 
# 
_struct_mon_prot_cis.pdbx_id                1 
_struct_mon_prot_cis.label_comp_id          GLY 
_struct_mon_prot_cis.label_seq_id           62 
_struct_mon_prot_cis.label_asym_id          A 
_struct_mon_prot_cis.label_alt_id           . 
_struct_mon_prot_cis.pdbx_PDB_ins_code      ? 
_struct_mon_prot_cis.auth_comp_id           GLY 
_struct_mon_prot_cis.auth_seq_id            62 
_struct_mon_prot_cis.auth_asym_id           A 
_struct_mon_prot_cis.pdbx_label_comp_id_2   PRO 
_struct_mon_prot_cis.pdbx_label_seq_id_2    63 
_struct_mon_prot_cis.pdbx_label_asym_id_2   A 
_struct_mon_prot_cis.pdbx_PDB_ins_code_2    ? 
_struct_mon_prot_cis.pdbx_auth_comp_id_2    PRO 
_struct_mon_prot_cis.pdbx_auth_seq_id_2     63 
_struct_mon_prot_cis.pdbx_auth_asym_id_2    A 
_struct_mon_prot_cis.pdbx_PDB_model_num     1 
_struct_mon_prot_cis.pdbx_omega_angle       1.22 
# 
loop_
_struct_sheet.id 
_struct_sheet.type 
_struct_sheet.number_strands 
_struct_sheet.details 
S1 ? 5 ? 
S2 ? 4 ? 
# 
loop_
_struct_sheet_order.sheet_id 
_struct_sheet_order.range_id_1 
_struct_sheet_order.range_id_2 
_struct_sheet_order.offset 
_struct_sheet_order.sense 
S1 1 2 ? anti-parallel 
S1 2 3 ? anti-parallel 
S1 3 4 ? anti-parallel 
S1 4 5 ? anti-parallel 
S2 1 2 ? anti-parallel 
S2 2 3 ? anti-parallel 
S2 3 4 ? anti-parallel 
# 
loop_
_struct_sheet_range.sheet_id 
_struct_sheet_range.id 
_struct_sheet_range.beg_label_comp_id 
_struct_sheet_range.beg_label_asym_id 
_struct_sheet_range.beg_label_seq_id 
_struct_sheet_range.pdbx_beg_PDB_ins_code 
_struct_sheet_range.end_label_comp_id 
_struct_sheet_range.end_label_asym_id 
_struct_sheet_range.end_label_seq_id 
_struct_sheet_range.pdbx_end_PDB_ins_code 
_struct_sheet_range.beg_auth_comp_id 
_struct_sheet_range.beg_auth_asym_id 
_struct_sheet_range.beg_auth_seq_id 
_struct_sheet_range.end_auth_comp_id 
_struct_sheet_range.end_auth_asym_id 
_struct_sheet_range.end_auth_seq_id 
S1 1 ALA A 90 ? TYR A 92 ? ALA A 90 TYR A 92 
S1 2 THR A 5  ? GLU A 9  ? THR A 5  GLU A 9  
S1 3 LEU A 17 ? LYS A 22 ? LEU A 17 LYS A 22 
S1 4 VAL A 51 ? PHE A 54 ? VAL A 51 PHE A 54 
S1 5 THR A 45 ? GLY A 47 ? THR A 45 GLY A 47 
S2 1 VAL A 42 ? MET A 44 ? VAL A 42 MET A 44 
S2 2 GLU A 30 ? HIS A 36 ? GLU A 30 HIS A 36 
S2 3 PRO A 63 ? THR A 70 ? PRO A 63 THR A 70 
S2 4 MET A 74 ? PHE A 78 ? MET A 74 PHE A 78 
# 
loop_
_pdbx_struct_sheet_hbond.sheet_id 
_pdbx_struct_sheet_hbond.range_id_1 
_pdbx_struct_sheet_hbond.range_id_2 
_pdbx_struct_sheet_hbond.range_1_label_atom_id 
_pdbx_struct_sheet_hbond.range_1_label_comp_id 
_pdbx_struct_sheet_hbond.range_1_label_asym_id 
_pdbx_struct_sheet_hbond.range_1_label_seq_id 
_pdbx_struct_sheet_hbond.range_1_PDB_ins_code 
_pdbx_struct_sheet_hbond.range_1_auth_atom_id 
_pdbx_struct_sheet_hbond.range_1_auth_comp_id 
_pdbx_struct_sheet_hbond.range_1_auth_asym_id 
_pdbx_struct_sheet_hbond.range_1_auth_seq_id 
_pdbx_struct_sheet_hbond.range_2_label_atom_id 
_pdbx_struct_sheet_hbond.range_2_label_comp_id 
_pdbx_struct_sheet_hbond.range_2_label_asym_id 
_pdbx_struct_sheet_hbond.range_2_label_seq_id 
_pdbx_struct_sheet_hbond.range_2_PDB_ins_code 
_pdbx_struct_sheet_hbond.range_2_auth_atom_id 
_pdbx_struct_sheet_hbond.range_2_auth_comp_id 
_pdbx_struct_sheet_hbond.range_2_auth_asym_id 
_pdbx_struct_sheet_hbond.range_2_auth_seq_id 
S1 1 2 O ALA A 90 ? O ALA A 90 N VAL A 8  ? N VAL A 8  
S1 2 3 O THR A 7  ? O THR A 7  N LEU A 20 ? N LEU A 20 
S1 3 4 O LEU A 17 ? O LEU A 17 N PHE A 54 ? N PHE A 54 
S1 4 5 O VAL A 51 ? O VAL A 51 N GLY A 47 ? N GLY A 47 
S2 1 2 O VAL A 42 ? O VAL A 42 N LEU A 33 ? N LEU A 33 
S2 2 3 O GLU A 32 ? O GLU A 32 N ARG A 67 ? N ARG A 67 
S2 3 4 O PHE A 68 ? O PHE A 68 N ASN A 76 ? N ASN A 76 
# 
loop_
_pdbx_unobs_or_zero_occ_residues.id 
_pdbx_unobs_or_zero_occ_residues.PDB_model_num 
_pdbx_unobs_or_zero_occ_residues.polymer_flag 
_pdbx_unobs_or_zero_occ_residues.occupancy_flag 
_pdbx_unobs_or_zero_occ_residues.auth_asym_id 
_pdbx_unobs_or_zero_occ_residues.auth_comp_id 
_pdbx_unobs_or_zero_occ_residues.auth_seq_id 
_pdbx_unobs_or_zero_occ_residues.PDB_ins_code 
_pdbx_unobs_or_zero_occ_residues.label_asym_id 
_pdbx_unobs_or_zero_occ_residues.label_comp_id 
_pdbx_unobs_or_zero_occ_residues.label_seq_id 
1 1 Y 1 A GLU 95 ? A GLU 95 
2 1 Y 1 A GLU 96 ? A GLU 96 
# 
loop_
_chem_comp_atom.comp_id 
_chem_comp_atom.atom_id 
_chem_comp_atom.type_symbol 
_chem_comp_atom.pdbx_aromatic_flag 
_chem_comp_atom.pdbx_stereo_config 
_chem_comp_atom.pdbx_ordinal 
ALA N    N N N 1   
ALA CA   C N S 2   
ALA C    C N N 3   
ALA O    O N N 4   
ALA CB   C N N 5   
ALA OXT  O N N 6   
ALA H    H N N 7   
ALA H2   H N N 8   
ALA HA   H N N 9   
ALA HB1  H N N 10  
ALA HB2  H N N 11  
ALA HB3  H N N 12  
ALA HXT  H N N 13  
ARG N    N N N 14  
ARG CA   C N S 15  
ARG C    C N N 16  
ARG O    O N N 17  
ARG CB   C N N 18  
ARG CG   C N N 19  
ARG CD   C N N 20  
ARG NE   N N N 21  
ARG CZ   C N N 22  
ARG NH1  N N N 23  
ARG NH2  N N N 24  
ARG OXT  O N N 25  
ARG H    H N N 26  
ARG H2   H N N 27  
ARG HA   H N N 28  
ARG HB2  H N N 29  
ARG HB3  H N N 30  
ARG HG2  H N N 31  
ARG HG3  H N N 32  
ARG HD2  H N N 33  
ARG HD3  H N N 34  
ARG HE   H N N 35  
ARG HH11 H N N 36  
ARG HH12 H N N 37  
ARG HH21 H N N 38  
ARG HH22 H N N 39  
ARG HXT  H N N 40  
ASN N    N N N 41  
ASN CA   C N S 42  
ASN C    C N N 43  
ASN O    O N N 44  
ASN CB   C N N 45  
ASN CG   C N N 46  
ASN OD1  O N N 47  
ASN ND2  N N N 48  
ASN OXT  O N N 49  
ASN H    H N N 50  
ASN H2   H N N 51  
ASN HA   H N N 52  
ASN HB2  H N N 53  
ASN HB3  H N N 54  
ASN HD21 H N N 55  
ASN HD22 H N N 56  
ASN HXT  H N N 57  
ASP N    N N N 58  
ASP CA   C N S 59  
ASP C    C N N 60  
ASP O    O N N 61  
ASP CB   C N N 62  
ASP CG   C N N 63  
ASP OD1  O N N 64  
ASP OD2  O N N 65  
ASP OXT  O N N 66  
ASP H    H N N 67  
ASP H2   H N N 68  
ASP HA   H N N 69  
ASP HB2  H N N 70  
ASP HB3  H N N 71  
ASP HD2  H N N 72  
ASP HXT  H N N 73  
GLN N    N N N 74  
GLN CA   C N S 75  
GLN C    C N N 76  
GLN O    O N N 77  
GLN CB   C N N 78  
GLN CG   C N N 79  
GLN CD   C N N 80  
GLN OE1  O N N 81  
GLN NE2  N N N 82  
GLN OXT  O N N 83  
GLN H    H N N 84  
GLN H2   H N N 85  
GLN HA   H N N 86  
GLN HB2  H N N 87  
GLN HB3  H N N 88  
GLN HG2  H N N 89  
GLN HG3  H N N 90  
GLN HE21 H N N 91  
GLN HE22 H N N 92  
GLN HXT  H N N 93  
GLU N    N N N 94  
GLU CA   C N S 95  
GLU C    C N N 96  
GLU O    O N N 97  
GLU CB   C N N 98  
GLU CG   C N N 99  
GLU CD   C N N 100 
GLU OE1  O N N 101 
GLU OE2  O N N 102 
GLU OXT  O N N 103 
GLU H    H N N 104 
GLU H2   H N N 105 
GLU HA   H N N 106 
GLU HB2  H N N 107 
GLU HB3  H N N 108 
GLU HG2  H N N 109 
GLU HG3  H N N 110 
GLU HE2  H N N 111 
GLU HXT  H N N 112 
GLY N    N N N 113 
GLY CA   C N N 114 
GLY C    C N N 115 
GLY O    O N N 116 
GLY OXT  O N N 117 
GLY H    H N N 118 
GLY H2   H N N 119 
GLY HA2  H N N 120 
GLY HA3  H N N 121 
GLY HXT  H N N 122 
HIS N    N N N 123 
HIS CA   C N S 124 
HIS C    C N N 125 
HIS O    O N N 126 
HIS CB   C N N 127 
HIS CG   C Y N 128 
HIS ND1  N Y N 129 
HIS CD2  C Y N 130 
HIS CE1  C Y N 131 
HIS NE2  N Y N 132 
HIS OXT  O N N 133 
HIS H    H N N 134 
HIS H2   H N N 135 
HIS HA   H N N 136 
HIS HB2  H N N 137 
HIS HB3  H N N 138 
HIS HD1  H N N 139 
HIS HD2  H N N 140 
HIS HE1  H N N 141 
HIS HE2  H N N 142 
HIS HXT  H N N 143 
HOH O    O N N 144 
HOH H1   H N N 145 
HOH H2   H N N 146 
ILE N    N N N 147 
ILE CA   C N S 148 
ILE C    C N N 149 
ILE O    O N N 150 
ILE CB   C N S 151 
ILE CG1  C N N 152 
ILE CG2  C N N 153 
ILE CD1  C N N 154 
ILE OXT  O N N 155 
ILE H    H N N 156 
ILE H2   H N N 157 
ILE HA   H N N 158 
ILE HB   H N N 159 
ILE HG12 H N N 160 
ILE HG13 H N N 161 
ILE HG21 H N N 162 
ILE HG22 H N N 163 
ILE HG23 H N N 164 
ILE HD11 H N N 165 
ILE HD12 H N N 166 
ILE HD13 H N N 167 
ILE HXT  H N N 168 
LEU N    N N N 169 
LEU CA   C N S 170 
LEU C    C N N 171 
LEU O    O N N 172 
LEU CB   C N N 173 
LEU CG   C N N 174 
LEU CD1  C N N 175 
LEU CD2  C N N 176 
LEU OXT  O N N 177 
LEU H    H N N 178 
LEU H2   H N N 179 
LEU HA   H N N 180 
LEU HB2  H N N 181 
LEU HB3  H N N 182 
LEU HG   H N N 183 
LEU HD11 H N N 184 
LEU HD12 H N N 185 
LEU HD13 H N N 186 
LEU HD21 H N N 187 
LEU HD22 H N N 188 
LEU HD23 H N N 189 
LEU HXT  H N N 190 
LYS N    N N N 191 
LYS CA   C N S 192 
LYS C    C N N 193 
LYS O    O N N 194 
LYS CB   C N N 195 
LYS CG   C N N 196 
LYS CD   C N N 197 
LYS CE   C N N 198 
LYS NZ   N N N 199 
LYS OXT  O N N 200 
LYS H    H N N 201 
LYS H2   H N N 202 
LYS HA   H N N 203 
LYS HB2  H N N 204 
LYS HB3  H N N 205 
LYS HG2  H N N 206 
LYS HG3  H N N 207 
LYS HD2  H N N 208 
LYS HD3  H N N 209 
LYS HE2  H N N 210 
LYS HE3  H N N 211 
LYS HZ1  H N N 212 
LYS HZ2  H N N 213 
LYS HZ3  H N N 214 
LYS HXT  H N N 215 
MET N    N N N 216 
MET CA   C N S 217 
MET C    C N N 218 
MET O    O N N 219 
MET CB   C N N 220 
MET CG   C N N 221 
MET SD   S N N 222 
MET CE   C N N 223 
MET OXT  O N N 224 
MET H    H N N 225 
MET H2   H N N 226 
MET HA   H N N 227 
MET HB2  H N N 228 
MET HB3  H N N 229 
MET HG2  H N N 230 
MET HG3  H N N 231 
MET HE1  H N N 232 
MET HE2  H N N 233 
MET HE3  H N N 234 
MET HXT  H N N 235 
PHE N    N N N 236 
PHE CA   C N S 237 
PHE C    C N N 238 
PHE O    O N N 239 
PHE CB   C N N 240 
PHE CG   C Y N 241 
PHE CD1  C Y N 242 
PHE CD2  C Y N 243 
PHE CE1  C Y N 244 
PHE CE2  C Y N 245 
PHE CZ   C Y N 246 
PHE OXT  O N N 247 
PHE H    H N N 248 
PHE H2   H N N 249 
PHE HA   H N N 250 
PHE HB2  H N N 251 
PHE HB3  H N N 252 
PHE HD1  H N N 253 
PHE HD2  H N N 254 
PHE HE1  H N N 255 
PHE HE2  H N N 256 
PHE HZ   H N N 257 
PHE HXT  H N N 258 
PRO N    N N N 259 
PRO CA   C N S 260 
PRO C    C N N 261 
PRO O    O N N 262 
PRO CB   C N N 263 
PRO CG   C N N 264 
PRO CD   C N N 265 
PRO OXT  O N N 266 
PRO H    H N N 267 
PRO HA   H N N 268 
PRO HB2  H N N 269 
PRO HB3  H N N 270 
PRO HG2  H N N 271 
PRO HG3  H N N 272 
PRO HD2  H N N 273 
PRO HD3  H N N 274 
PRO HXT  H N N 275 
SER N    N N N 276 
SER CA   C N S 277 
SER C    C N N 278 
SER O    O N N 279 
SER CB   C N N 280 
SER OG   O N N 281 
SER OXT  O N N 282 
SER H    H N N 283 
SER H2   H N N 284 
SER HA   H N N 285 
SER HB2  H N N 286 
SER HB3  H N N 287 
SER HG   H N N 288 
SER HXT  H N N 289 
THR N    N N N 290 
THR CA   C N S 291 
THR C    C N N 292 
THR O    O N N 293 
THR CB   C N R 294 
THR OG1  O N N 295 
THR CG2  C N N 296 
THR OXT  O N N 297 
THR H    H N N 298 
THR H2   H N N 299 
THR HA   H N N 300 
THR HB   H N N 301 
THR HG1  H N N 302 
THR HG21 H N N 303 
THR HG22 H N N 304 
THR HG23 H N N 305 
THR HXT  H N N 306 
TRP N    N N N 307 
TRP CA   C N S 308 
TRP C    C N N 309 
TRP O    O N N 310 
TRP CB   C N N 311 
TRP CG   C Y N 312 
TRP CD1  C Y N 313 
TRP CD2  C Y N 314 
TRP NE1  N Y N 315 
TRP CE2  C Y N 316 
TRP CE3  C Y N 317 
TRP CZ2  C Y N 318 
TRP CZ3  C Y N 319 
TRP CH2  C Y N 320 
TRP OXT  O N N 321 
TRP H    H N N 322 
TRP H2   H N N 323 
TRP HA   H N N 324 
TRP HB2  H N N 325 
TRP HB3  H N N 326 
TRP HD1  H N N 327 
TRP HE1  H N N 328 
TRP HE3  H N N 329 
TRP HZ2  H N N 330 
TRP HZ3  H N N 331 
TRP HH2  H N N 332 
TRP HXT  H N N 333 
TYR N    N N N 334 
TYR CA   C N S 335 
TYR C    C N N 336 
TYR O    O N N 337 
TYR CB   C N N 338 
TYR CG   C Y N 339 
TYR CD1  C Y N 340 
TYR CD2  C Y N 341 
TYR CE1  C Y N 342 
TYR CE2  C Y N 343 
TYR CZ   C Y N 344 
TYR OH   O N N 345 
TYR OXT  O N N 346 
TYR H    H N N 347 
TYR H2   H N N 348 
TYR HA   H N N 349 
TYR HB2  H N N 350 
TYR HB3  H N N 351 
TYR HD1  H N N 352 
TYR HD2  H N N 353 
TYR HE1  H N N 354 
TYR HE2  H N N 355 
TYR HH   H N N 356 
TYR HXT  H N N 357 
VAL N    N N N 358 
VAL CA   C N S 359 
VAL C    C N N 360 
VAL O    O N N 361 
VAL CB   C N N 362 
VAL CG1  C N N 363 
VAL CG2  C N N 364 
VAL OXT  O N N 365 
VAL H    H N N 366 
VAL H2   H N N 367 
VAL HA   H N N 368 
VAL HB   H N N 369 
VAL HG11 H N N 370 
VAL HG12 H N N 371 
VAL HG13 H N N 372 
VAL HG21 H N N 373 
VAL HG22 H N N 374 
VAL HG23 H N N 375 
VAL HXT  H N N 376 
# 
loop_
_chem_comp_bond.comp_id 
_chem_comp_bond.atom_id_1 
_chem_comp_bond.atom_id_2 
_chem_comp_bond.value_order 
_chem_comp_bond.pdbx_aromatic_flag 
_chem_comp_bond.pdbx_stereo_config 
_chem_comp_bond.pdbx_ordinal 
ALA N   CA   sing N N 1   
ALA N   H    sing N N 2   
ALA N   H2   sing N N 3   
ALA CA  C    sing N N 4   
ALA CA  CB   sing N N 5   
ALA CA  HA   sing N N 6   
ALA C   O    doub N N 7   
ALA C   OXT  sing N N 8   
ALA CB  HB1  sing N N 9   
ALA CB  HB2  sing N N 10  
ALA CB  HB3  sing N N 11  
ALA OXT HXT  sing N N 12  
ARG N   CA   sing N N 13  
ARG N   H    sing N N 14  
ARG N   H2   sing N N 15  
ARG CA  C    sing N N 16  
ARG CA  CB   sing N N 17  
ARG CA  HA   sing N N 18  
ARG C   O    doub N N 19  
ARG C   OXT  sing N N 20  
ARG CB  CG   sing N N 21  
ARG CB  HB2  sing N N 22  
ARG CB  HB3  sing N N 23  
ARG CG  CD   sing N N 24  
ARG CG  HG2  sing N N 25  
ARG CG  HG3  sing N N 26  
ARG CD  NE   sing N N 27  
ARG CD  HD2  sing N N 28  
ARG CD  HD3  sing N N 29  
ARG NE  CZ   sing N N 30  
ARG NE  HE   sing N N 31  
ARG CZ  NH1  sing N N 32  
ARG CZ  NH2  doub N N 33  
ARG NH1 HH11 sing N N 34  
ARG NH1 HH12 sing N N 35  
ARG NH2 HH21 sing N N 36  
ARG NH2 HH22 sing N N 37  
ARG OXT HXT  sing N N 38  
ASN N   CA   sing N N 39  
ASN N   H    sing N N 40  
ASN N   H2   sing N N 41  
ASN CA  C    sing N N 42  
ASN CA  CB   sing N N 43  
ASN CA  HA   sing N N 44  
ASN C   O    doub N N 45  
ASN C   OXT  sing N N 46  
ASN CB  CG   sing N N 47  
ASN CB  HB2  sing N N 48  
ASN CB  HB3  sing N N 49  
ASN CG  OD1  doub N N 50  
ASN CG  ND2  sing N N 51  
ASN ND2 HD21 sing N N 52  
ASN ND2 HD22 sing N N 53  
ASN OXT HXT  sing N N 54  
ASP N   CA   sing N N 55  
ASP N   H    sing N N 56  
ASP N   H2   sing N N 57  
ASP CA  C    sing N N 58  
ASP CA  CB   sing N N 59  
ASP CA  HA   sing N N 60  
ASP C   O    doub N N 61  
ASP C   OXT  sing N N 62  
ASP CB  CG   sing N N 63  
ASP CB  HB2  sing N N 64  
ASP CB  HB3  sing N N 65  
ASP CG  OD1  doub N N 66  
ASP CG  OD2  sing N N 67  
ASP OD2 HD2  sing N N 68  
ASP OXT HXT  sing N N 69  
GLN N   CA   sing N N 70  
GLN N   H    sing N N 71  
GLN N   H2   sing N N 72  
GLN CA  C    sing N N 73  
GLN CA  CB   sing N N 74  
GLN CA  HA   sing N N 75  
GLN C   O    doub N N 76  
GLN C   OXT  sing N N 77  
GLN CB  CG   sing N N 78  
GLN CB  HB2  sing N N 79  
GLN CB  HB3  sing N N 80  
GLN CG  CD   sing N N 81  
GLN CG  HG2  sing N N 82  
GLN CG  HG3  sing N N 83  
GLN CD  OE1  doub N N 84  
GLN CD  NE2  sing N N 85  
GLN NE2 HE21 sing N N 86  
GLN NE2 HE22 sing N N 87  
GLN OXT HXT  sing N N 88  
GLU N   CA   sing N N 89  
GLU N   H    sing N N 90  
GLU N   H2   sing N N 91  
GLU CA  C    sing N N 92  
GLU CA  CB   sing N N 93  
GLU CA  HA   sing N N 94  
GLU C   O    doub N N 95  
GLU C   OXT  sing N N 96  
GLU CB  CG   sing N N 97  
GLU CB  HB2  sing N N 98  
GLU CB  HB3  sing N N 99  
GLU CG  CD   sing N N 100 
GLU CG  HG2  sing N N 101 
GLU CG  HG3  sing N N 102 
GLU CD  OE1  doub N N 103 
GLU CD  OE2  sing N N 104 
GLU OE2 HE2  sing N N 105 
GLU OXT HXT  sing N N 106 
GLY N   CA   sing N N 107 
GLY N   H    sing N N 108 
GLY N   H2   sing N N 109 
GLY CA  C    sing N N 110 
GLY CA  HA2  sing N N 111 
GLY CA  HA3  sing N N 112 
GLY C   O    doub N N 113 
GLY C   OXT  sing N N 114 
GLY OXT HXT  sing N N 115 
HIS N   CA   sing N N 116 
HIS N   H    sing N N 117 
HIS N   H2   sing N N 118 
HIS CA  C    sing N N 119 
HIS CA  CB   sing N N 120 
HIS CA  HA   sing N N 121 
HIS C   O    doub N N 122 
HIS C   OXT  sing N N 123 
HIS CB  CG   sing N N 124 
HIS CB  HB2  sing N N 125 
HIS CB  HB3  sing N N 126 
HIS CG  ND1  sing Y N 127 
HIS CG  CD2  doub Y N 128 
HIS ND1 CE1  doub Y N 129 
HIS ND1 HD1  sing N N 130 
HIS CD2 NE2  sing Y N 131 
HIS CD2 HD2  sing N N 132 
HIS CE1 NE2  sing Y N 133 
HIS CE1 HE1  sing N N 134 
HIS NE2 HE2  sing N N 135 
HIS OXT HXT  sing N N 136 
HOH O   H1   sing N N 137 
HOH O   H2   sing N N 138 
ILE N   CA   sing N N 139 
ILE N   H    sing N N 140 
ILE N   H2   sing N N 141 
ILE CA  C    sing N N 142 
ILE CA  CB   sing N N 143 
ILE CA  HA   sing N N 144 
ILE C   O    doub N N 145 
ILE C   OXT  sing N N 146 
ILE CB  CG1  sing N N 147 
ILE CB  CG2  sing N N 148 
ILE CB  HB   sing N N 149 
ILE CG1 CD1  sing N N 150 
ILE CG1 HG12 sing N N 151 
ILE CG1 HG13 sing N N 152 
ILE CG2 HG21 sing N N 153 
ILE CG2 HG22 sing N N 154 
ILE CG2 HG23 sing N N 155 
ILE CD1 HD11 sing N N 156 
ILE CD1 HD12 sing N N 157 
ILE CD1 HD13 sing N N 158 
ILE OXT HXT  sing N N 159 
LEU N   CA   sing N N 160 
LEU N   H    sing N N 161 
LEU N   H2   sing N N 162 
LEU CA  C    sing N N 163 
LEU CA  CB   sing N N 164 
LEU CA  HA   sing N N 165 
LEU C   O    doub N N 166 
LEU C   OXT  sing N N 167 
LEU CB  CG   sing N N 168 
LEU CB  HB2  sing N N 169 
LEU CB  HB3  sing N N 170 
LEU CG  CD1  sing N N 171 
LEU CG  CD2  sing N N 172 
LEU CG  HG   sing N N 173 
LEU CD1 HD11 sing N N 174 
LEU CD1 HD12 sing N N 175 
LEU CD1 HD13 sing N N 176 
LEU CD2 HD21 sing N N 177 
LEU CD2 HD22 sing N N 178 
LEU CD2 HD23 sing N N 179 
LEU OXT HXT  sing N N 180 
LYS N   CA   sing N N 181 
LYS N   H    sing N N 182 
LYS N   H2   sing N N 183 
LYS CA  C    sing N N 184 
LYS CA  CB   sing N N 185 
LYS CA  HA   sing N N 186 
LYS C   O    doub N N 187 
LYS C   OXT  sing N N 188 
LYS CB  CG   sing N N 189 
LYS CB  HB2  sing N N 190 
LYS CB  HB3  sing N N 191 
LYS CG  CD   sing N N 192 
LYS CG  HG2  sing N N 193 
LYS CG  HG3  sing N N 194 
LYS CD  CE   sing N N 195 
LYS CD  HD2  sing N N 196 
LYS CD  HD3  sing N N 197 
LYS CE  NZ   sing N N 198 
LYS CE  HE2  sing N N 199 
LYS CE  HE3  sing N N 200 
LYS NZ  HZ1  sing N N 201 
LYS NZ  HZ2  sing N N 202 
LYS NZ  HZ3  sing N N 203 
LYS OXT HXT  sing N N 204 
MET N   CA   sing N N 205 
MET N   H    sing N N 206 
MET N   H2   sing N N 207 
MET CA  C    sing N N 208 
MET CA  CB   sing N N 209 
MET CA  HA   sing N N 210 
MET C   O    doub N N 211 
MET C   OXT  sing N N 212 
MET CB  CG   sing N N 213 
MET CB  HB2  sing N N 214 
MET CB  HB3  sing N N 215 
MET CG  SD   sing N N 216 
MET CG  HG2  sing N N 217 
MET CG  HG3  sing N N 218 
MET SD  CE   sing N N 219 
MET CE  HE1  sing N N 220 
MET CE  HE2  sing N N 221 
MET CE  HE3  sing N N 222 
MET OXT HXT  sing N N 223 
PHE N   CA   sing N N 224 
PHE N   H    sing N N 225 
PHE N   H2   sing N N 226 
PHE CA  C    sing N N 227 
PHE CA  CB   sing N N 228 
PHE CA  HA   sing N N 229 
PHE C   O    doub N N 230 
PHE C   OXT  sing N N 231 
PHE CB  CG   sing N N 232 
PHE CB  HB2  sing N N 233 
PHE CB  HB3  sing N N 234 
PHE CG  CD1  doub Y N 235 
PHE CG  CD2  sing Y N 236 
PHE CD1 CE1  sing Y N 237 
PHE CD1 HD1  sing N N 238 
PHE CD2 CE2  doub Y N 239 
PHE CD2 HD2  sing N N 240 
PHE CE1 CZ   doub Y N 241 
PHE CE1 HE1  sing N N 242 
PHE CE2 CZ   sing Y N 243 
PHE CE2 HE2  sing N N 244 
PHE CZ  HZ   sing N N 245 
PHE OXT HXT  sing N N 246 
PRO N   CA   sing N N 247 
PRO N   CD   sing N N 248 
PRO N   H    sing N N 249 
PRO CA  C    sing N N 250 
PRO CA  CB   sing N N 251 
PRO CA  HA   sing N N 252 
PRO C   O    doub N N 253 
PRO C   OXT  sing N N 254 
PRO CB  CG   sing N N 255 
PRO CB  HB2  sing N N 256 
PRO CB  HB3  sing N N 257 
PRO CG  CD   sing N N 258 
PRO CG  HG2  sing N N 259 
PRO CG  HG3  sing N N 260 
PRO CD  HD2  sing N N 261 
PRO CD  HD3  sing N N 262 
PRO OXT HXT  sing N N 263 
SER N   CA   sing N N 264 
SER N   H    sing N N 265 
SER N   H2   sing N N 266 
SER CA  C    sing N N 267 
SER CA  CB   sing N N 268 
SER CA  HA   sing N N 269 
SER C   O    doub N N 270 
SER C   OXT  sing N N 271 
SER CB  OG   sing N N 272 
SER CB  HB2  sing N N 273 
SER CB  HB3  sing N N 274 
SER OG  HG   sing N N 275 
SER OXT HXT  sing N N 276 
THR N   CA   sing N N 277 
THR N   H    sing N N 278 
THR N   H2   sing N N 279 
THR CA  C    sing N N 280 
THR CA  CB   sing N N 281 
THR CA  HA   sing N N 282 
THR C   O    doub N N 283 
THR C   OXT  sing N N 284 
THR CB  OG1  sing N N 285 
THR CB  CG2  sing N N 286 
THR CB  HB   sing N N 287 
THR OG1 HG1  sing N N 288 
THR CG2 HG21 sing N N 289 
THR CG2 HG22 sing N N 290 
THR CG2 HG23 sing N N 291 
THR OXT HXT  sing N N 292 
TRP N   CA   sing N N 293 
TRP N   H    sing N N 294 
TRP N   H2   sing N N 295 
TRP CA  C    sing N N 296 
TRP CA  CB   sing N N 297 
TRP CA  HA   sing N N 298 
TRP C   O    doub N N 299 
TRP C   OXT  sing N N 300 
TRP CB  CG   sing N N 301 
TRP CB  HB2  sing N N 302 
TRP CB  HB3  sing N N 303 
TRP CG  CD1  doub Y N 304 
TRP CG  CD2  sing Y N 305 
TRP CD1 NE1  sing Y N 306 
TRP CD1 HD1  sing N N 307 
TRP CD2 CE2  doub Y N 308 
TRP CD2 CE3  sing Y N 309 
TRP NE1 CE2  sing Y N 310 
TRP NE1 HE1  sing N N 311 
TRP CE2 CZ2  sing Y N 312 
TRP CE3 CZ3  doub Y N 313 
TRP CE3 HE3  sing N N 314 
TRP CZ2 CH2  doub Y N 315 
TRP CZ2 HZ2  sing N N 316 
TRP CZ3 CH2  sing Y N 317 
TRP CZ3 HZ3  sing N N 318 
TRP CH2 HH2  sing N N 319 
TRP OXT HXT  sing N N 320 
TYR N   CA   sing N N 321 
TYR N   H    sing N N 322 
TYR N   H2   sing N N 323 
TYR CA  C    sing N N 324 
TYR CA  CB   sing N N 325 
TYR CA  HA   sing N N 326 
TYR C   O    doub N N 327 
TYR C   OXT  sing N N 328 
TYR CB  CG   sing N N 329 
TYR CB  HB2  sing N N 330 
TYR CB  HB3  sing N N 331 
TYR CG  CD1  doub Y N 332 
TYR CG  CD2  sing Y N 333 
TYR CD1 CE1  sing Y N 334 
TYR CD1 HD1  sing N N 335 
TYR CD2 CE2  doub Y N 336 
TYR CD2 HD2  sing N N 337 
TYR CE1 CZ   doub Y N 338 
TYR CE1 HE1  sing N N 339 
TYR CE2 CZ   sing Y N 340 
TYR CE2 HE2  sing N N 341 
TYR CZ  OH   sing N N 342 
TYR OH  HH   sing N N 343 
TYR OXT HXT  sing N N 344 
VAL N   CA   sing N N 345 
VAL N   H    sing N N 346 
VAL N   H2   sing N N 347 
VAL CA  C    sing N N 348 
VAL CA  CB   sing N N 349 
VAL CA  HA   sing N N 350 
VAL C   O    doub N N 351 
VAL C   OXT  sing N N 352 
VAL CB  CG1  sing N N 353 
VAL CB  CG2  sing N N 354 
VAL CB  HB   sing N N 355 
VAL CG1 HG11 sing N N 356 
VAL CG1 HG12 sing N N 357 
VAL CG1 HG13 sing N N 358 
VAL CG2 HG21 sing N N 359 
VAL CG2 HG22 sing N N 360 
VAL CG2 HG23 sing N N 361 
VAL OXT HXT  sing N N 362 
# 
_atom_sites.entry_id                    1WHO 
_atom_sites.fract_transf_matrix[1][1]   -0.00930166 
_atom_sites.fract_transf_matrix[1][2]   -0.00644804 
_atom_sites.fract_transf_matrix[1][3]   0.02278144 
_atom_sites.fract_transf_matrix[2][1]   0.01440329 
_atom_sites.fract_transf_matrix[2][2]   -0.00120031 
_atom_sites.fract_transf_matrix[2][3]   0.00554112 
_atom_sites.fract_transf_matrix[3][1]   -0.00059003 
_atom_sites.fract_transf_matrix[3][2]   0.02671778 
_atom_sites.fract_transf_matrix[3][3]   0.00732127 
_atom_sites.fract_transf_vector[1]      0.241922 
_atom_sites.fract_transf_vector[2]      0.378181 
_atom_sites.fract_transf_vector[3]      1.073423 
# 
loop_
_atom_type.symbol 
C 
N 
O 
S 
# 
loop_
_atom_site.group_PDB 
_atom_site.id 
_atom_site.type_symbol 
_atom_site.label_atom_id 
_atom_site.label_alt_id 
_atom_site.label_comp_id 
_atom_site.label_asym_id 
_atom_site.label_entity_id 
_atom_site.label_seq_id 
_atom_site.pdbx_PDB_ins_code 
_atom_site.Cartn_x 
_atom_site.Cartn_y 
_atom_site.Cartn_z 
_atom_site.occupancy 
_atom_site.B_iso_or_equiv 
_atom_site.pdbx_formal_charge 
_atom_site.auth_seq_id 
_atom_site.auth_comp_id 
_atom_site.auth_asym_id 
_atom_site.auth_atom_id 
_atom_site.pdbx_PDB_model_num 
ATOM   1   N N   . VAL A 1 1  ? -14.243 -13.077 -5.671  1.00 51.52 ? 1   VAL A N   1 
ATOM   2   C CA  . VAL A 1 1  ? -13.527 -12.291 -4.616  1.00 49.23 ? 1   VAL A CA  1 
ATOM   3   C C   . VAL A 1 1  ? -12.301 -11.621 -5.239  1.00 47.66 ? 1   VAL A C   1 
ATOM   4   O O   . VAL A 1 1  ? -11.691 -12.166 -6.167  1.00 46.40 ? 1   VAL A O   1 
ATOM   5   C CB  . VAL A 1 1  ? -13.111 -13.168 -3.417  1.00 49.23 ? 1   VAL A CB  1 
ATOM   6   C CG1 . VAL A 1 1  ? -14.341 -13.679 -2.677  1.00 47.39 ? 1   VAL A CG1 1 
ATOM   7   C CG2 . VAL A 1 1  ? -12.293 -14.378 -3.855  1.00 48.70 ? 1   VAL A CG2 1 
ATOM   8   N N   . PRO A 1 2  ? -11.979 -10.412 -4.769  1.00 45.12 ? 2   PRO A N   1 
ATOM   9   C CA  . PRO A 1 2  ? -10.839 -9.666  -5.278  1.00 41.46 ? 2   PRO A CA  1 
ATOM   10  C C   . PRO A 1 2  ? -9.531  -10.451 -5.150  1.00 40.05 ? 2   PRO A C   1 
ATOM   11  O O   . PRO A 1 2  ? -9.250  -11.151 -4.172  1.00 38.58 ? 2   PRO A O   1 
ATOM   12  C CB  . PRO A 1 2  ? -10.846 -8.391  -4.441  1.00 41.17 ? 2   PRO A CB  1 
ATOM   13  C CG  . PRO A 1 2  ? -11.605 -8.759  -3.200  1.00 41.19 ? 2   PRO A CG  1 
ATOM   14  C CD  . PRO A 1 2  ? -12.673 -9.688  -3.693  1.00 44.65 ? 2   PRO A CD  1 
ATOM   15  N N   . LYS A 1 3  ? -8.705  -10.311 -6.183  1.00 37.38 ? 3   LYS A N   1 
ATOM   16  C CA  . LYS A 1 3  ? -7.409  -10.982 -6.251  1.00 34.75 ? 3   LYS A CA  1 
ATOM   17  C C   . LYS A 1 3  ? -6.301  -10.227 -5.502  1.00 31.47 ? 3   LYS A C   1 
ATOM   18  O O   . LYS A 1 3  ? -5.381  -10.851 -4.995  1.00 28.79 ? 3   LYS A O   1 
ATOM   19  C CB  . LYS A 1 3  ? -7.044  -11.161 -7.725  1.00 33.84 ? 3   LYS A CB  1 
ATOM   20  C CG  . LYS A 1 3  ? -5.811  -11.990 -7.988  1.00 36.85 ? 3   LYS A CG  1 
ATOM   21  C CD  . LYS A 1 3  ? -5.658  -12.235 -9.486  1.00 40.09 ? 3   LYS A CD  1 
ATOM   22  C CE  . LYS A 1 3  ? -5.474  -10.928 -10.257 1.00 39.84 ? 3   LYS A CE  1 
ATOM   23  N NZ  . LYS A 1 3  ? -5.233  -11.171 -11.712 1.00 41.79 ? 3   LYS A NZ  1 
ATOM   24  N N   . VAL A 1 4  ? -6.400  -8.902  -5.427  1.00 27.68 ? 4   VAL A N   1 
ATOM   25  C CA  . VAL A 1 4  ? -5.403  -8.100  -4.722  1.00 24.04 ? 4   VAL A CA  1 
ATOM   26  C C   . VAL A 1 4  ? -6.124  -7.254  -3.675  1.00 22.54 ? 4   VAL A C   1 
ATOM   27  O O   . VAL A 1 4  ? -7.133  -6.639  -4.023  1.00 23.16 ? 4   VAL A O   1 
ATOM   28  C CB  . VAL A 1 4  ? -4.718  -7.082  -5.651  1.00 24.18 ? 4   VAL A CB  1 
ATOM   29  C CG1 . VAL A 1 4  ? -3.426  -6.588  -5.001  1.00 27.55 ? 4   VAL A CG1 1 
ATOM   30  C CG2 . VAL A 1 4  ? -4.405  -7.666  -7.006  1.00 28.05 ? 4   VAL A CG2 1 
ATOM   31  N N   . THR A 1 5  ? -5.673  -7.270  -2.433  1.00 20.07 ? 5   THR A N   1 
ATOM   32  C CA  . THR A 1 5  ? -6.333  -6.459  -1.406  1.00 17.51 ? 5   THR A CA  1 
ATOM   33  C C   . THR A 1 5  ? -5.312  -5.687  -0.573  1.00 17.31 ? 5   THR A C   1 
ATOM   34  O O   . THR A 1 5  ? -4.145  -6.104  -0.394  1.00 15.91 ? 5   THR A O   1 
ATOM   35  C CB  . THR A 1 5  ? -7.253  -7.288  -0.515  1.00 19.16 ? 5   THR A CB  1 
ATOM   36  O OG1 . THR A 1 5  ? -6.540  -8.365  0.125   1.00 20.17 ? 5   THR A OG1 1 
ATOM   37  C CG2 . THR A 1 5  ? -8.404  -7.926  -1.323  1.00 19.30 ? 5   THR A CG2 1 
ATOM   38  N N   . PHE A 1 6  ? -5.743  -4.551  -0.055  1.00 13.89 ? 6   PHE A N   1 
ATOM   39  C CA  . PHE A 1 6  ? -4.947  -3.653  0.761   1.00 11.78 ? 6   PHE A CA  1 
ATOM   40  C C   . PHE A 1 6  ? -5.698  -3.397  2.064   1.00 11.22 ? 6   PHE A C   1 
ATOM   41  O O   . PHE A 1 6  ? -6.767  -2.789  2.050   1.00 11.65 ? 6   PHE A O   1 
ATOM   42  C CB  . PHE A 1 6  ? -4.772  -2.328  -0.004  1.00 15.88 ? 6   PHE A CB  1 
ATOM   43  C CG  . PHE A 1 6  ? -3.997  -2.485  -1.294  1.00 19.23 ? 6   PHE A CG  1 
ATOM   44  C CD1 . PHE A 1 6  ? -4.630  -2.941  -2.454  1.00 19.61 ? 6   PHE A CD1 1 
ATOM   45  C CD2 . PHE A 1 6  ? -2.643  -2.195  -1.340  1.00 18.50 ? 6   PHE A CD2 1 
ATOM   46  C CE1 . PHE A 1 6  ? -3.907  -3.112  -3.630  1.00 20.24 ? 6   PHE A CE1 1 
ATOM   47  C CE2 . PHE A 1 6  ? -1.929  -2.345  -2.526  1.00 16.70 ? 6   PHE A CE2 1 
ATOM   48  C CZ  . PHE A 1 6  ? -2.553  -2.802  -3.656  1.00 17.62 ? 6   PHE A CZ  1 
ATOM   49  N N   . THR A 1 7  ? -5.184  -3.909  3.178   1.00 10.54 ? 7   THR A N   1 
ATOM   50  C CA  . THR A 1 7  ? -5.807  -3.761  4.489   1.00 11.61 ? 7   THR A CA  1 
ATOM   51  C C   . THR A 1 7  ? -5.007  -2.790  5.363   1.00 12.06 ? 7   THR A C   1 
ATOM   52  O O   . THR A 1 7  ? -3.824  -3.008  5.616   1.00 11.44 ? 7   THR A O   1 
ATOM   53  C CB  . THR A 1 7  ? -5.941  -5.117  5.191   1.00 10.58 ? 7   THR A CB  1 
ATOM   54  O OG1 . THR A 1 7  ? -6.753  -5.982  4.391   1.00 10.17 ? 7   THR A OG1 1 
ATOM   55  C CG2 . THR A 1 7  ? -6.535  -4.991  6.582   1.00 13.19 ? 7   THR A CG2 1 
ATOM   56  N N   . VAL A 1 8  ? -5.644  -1.722  5.787   1.00 15.58 ? 8   VAL A N   1 
ATOM   57  C CA  . VAL A 1 8  ? -4.977  -0.707  6.601   1.00 18.57 ? 8   VAL A CA  1 
ATOM   58  C C   . VAL A 1 8  ? -4.834  -1.226  8.031   1.00 19.53 ? 8   VAL A C   1 
ATOM   59  O O   . VAL A 1 8  ? -5.772  -1.760  8.620   1.00 20.03 ? 8   VAL A O   1 
ATOM   60  C CB  . VAL A 1 8  ? -5.702  0.660   6.582   1.00 19.63 ? 8   VAL A CB  1 
ATOM   61  C CG1 . VAL A 1 8  ? -4.941  1.691   7.404   1.00 16.24 ? 8   VAL A CG1 1 
ATOM   62  C CG2 . VAL A 1 8  ? -5.793  1.232   5.171   1.00 18.44 ? 8   VAL A CG2 1 
ATOM   63  N N   . GLU A 1 9  ? -3.624  -1.111  8.558   1.00 21.03 ? 9   GLU A N   1 
ATOM   64  C CA  . GLU A 1 9  ? -3.300  -1.571  9.890   1.00 22.66 ? 9   GLU A CA  1 
ATOM   65  C C   . GLU A 1 9  ? -3.284  -0.517  10.994  1.00 21.76 ? 9   GLU A C   1 
ATOM   66  O O   . GLU A 1 9  ? -3.092  0.666   10.787  1.00 19.19 ? 9   GLU A O   1 
ATOM   67  C CB  . GLU A 1 9  ? -1.952  -2.289  9.891   1.00 21.44 ? 9   GLU A CB  1 
ATOM   68  C CG  . GLU A 1 9  ? -2.046  -3.771  10.140  1.00 28.77 ? 9   GLU A CG  1 
ATOM   69  C CD  . GLU A 1 9  ? -2.410  -4.581  8.927   1.00 32.31 ? 9   GLU A CD  1 
ATOM   70  O OE1 . GLU A 1 9  ? -1.663  -4.428  7.937   1.00 38.79 ? 9   GLU A OE1 1 
ATOM   71  O OE2 . GLU A 1 9  ? -3.431  -5.312  8.931   1.00 33.90 ? 9   GLU A OE2 1 
ATOM   72  N N   . LYS A 1 10 ? -3.513  -1.019  12.220  1.00 23.41 ? 10  LYS A N   1 
ATOM   73  C CA  . LYS A 1 10 ? -3.541  -0.212  13.424  1.00 23.98 ? 10  LYS A CA  1 
ATOM   74  C C   . LYS A 1 10 ? -2.193  0.484   13.575  1.00 23.69 ? 10  LYS A C   1 
ATOM   75  O O   . LYS A 1 10 ? -1.147  -0.113  13.377  1.00 23.79 ? 10  LYS A O   1 
ATOM   76  C CB  . LYS A 1 10 ? -3.823  -1.077  14.658  1.00 24.53 ? 10  LYS A CB  1 
ATOM   77  C CG  . LYS A 1 10 ? -4.167  -0.282  15.906  1.00 28.14 ? 10  LYS A CG  1 
ATOM   78  C CD  . LYS A 1 10 ? -4.489  -1.180  17.070  1.00 33.43 ? 10  LYS A CD  1 
ATOM   79  C CE  . LYS A 1 10 ? -4.930  -0.414  18.309  1.00 37.74 ? 10  LYS A CE  1 
ATOM   80  N NZ  . LYS A 1 10 ? -5.626  -1.319  19.292  1.00 40.26 ? 10  LYS A NZ  1 
ATOM   81  N N   . GLY A 1 11 ? -2.232  1.777   13.864  1.00 27.65 ? 11  GLY A N   1 
ATOM   82  C CA  . GLY A 1 11 ? -0.968  2.530   13.991  1.00 27.68 ? 11  GLY A CA  1 
ATOM   83  C C   . GLY A 1 11 ? -0.828  3.503   12.828  1.00 26.93 ? 11  GLY A C   1 
ATOM   84  O O   . GLY A 1 11 ? -0.023  4.434   12.884  1.00 27.60 ? 11  GLY A O   1 
ATOM   85  N N   . SER A 1 12 ? -1.615  3.277   11.774  1.00 23.63 ? 12  SER A N   1 
ATOM   86  C CA  . SER A 1 12 ? -1.539  4.158   10.611  1.00 20.68 ? 12  SER A CA  1 
ATOM   87  C C   . SER A 1 12 ? -2.077  5.532   10.992  1.00 21.11 ? 12  SER A C   1 
ATOM   88  O O   . SER A 1 12 ? -3.093  5.652   11.672  1.00 20.21 ? 12  SER A O   1 
ATOM   89  C CB  . SER A 1 12 ? -2.303  3.558   9.436   1.00 17.60 ? 12  SER A CB  1 
ATOM   90  O OG  . SER A 1 12 ? -1.754  2.276   9.104   1.00 17.24 ? 12  SER A OG  1 
ATOM   91  N N   . ASN A 1 13 ? -1.345  6.576   10.615  1.00 21.47 ? 13  ASN A N   1 
ATOM   92  C CA  . ASN A 1 13 ? -1.741  7.956   10.915  1.00 22.67 ? 13  ASN A CA  1 
ATOM   93  C C   . ASN A 1 13 ? -1.107  8.875   9.879   1.00 24.02 ? 13  ASN A C   1 
ATOM   94  O O   . ASN A 1 13 ? -0.477  8.370   8.944   1.00 25.11 ? 13  ASN A O   1 
ATOM   95  C CB  . ASN A 1 13 ? -1.260  8.370   12.299  1.00 26.32 ? 13  ASN A CB  1 
ATOM   96  C CG  . ASN A 1 13 ? 0.225   8.117   12.479  1.00 29.96 ? 13  ASN A CG  1 
ATOM   97  O OD1 . ASN A 1 13 ? 1.089   8.749   11.868  1.00 30.99 ? 13  ASN A OD1 1 
ATOM   98  N ND2 . ASN A 1 13 ? 0.538   7.145   13.332  1.00 34.53 ? 13  ASN A ND2 1 
ATOM   99  N N   . GLU A 1 14 ? -1.165  10.193  10.063  1.00 24.30 ? 14  GLU A N   1 
ATOM   100 C CA  . GLU A 1 14 ? -0.592  11.098  9.077   1.00 25.25 ? 14  GLU A CA  1 
ATOM   101 C C   . GLU A 1 14 ? 0.857   10.909  8.681   1.00 23.92 ? 14  GLU A C   1 
ATOM   102 O O   . GLU A 1 14 ? 1.238   11.288  7.574   1.00 24.58 ? 14  GLU A O   1 
ATOM   103 C CB  . GLU A 1 14 ? -0.743  12.537  9.564   1.00 32.77 ? 14  GLU A CB  1 
ATOM   104 C CG  . GLU A 1 14 ? -2.180  12.977  9.750   1.00 40.66 ? 14  GLU A CG  1 
ATOM   105 C CD  . GLU A 1 14 ? -2.266  14.383  10.351  1.00 46.72 ? 14  GLU A CD  1 
ATOM   106 O OE1 . GLU A 1 14 ? -1.330  15.182  10.094  1.00 46.26 ? 14  GLU A OE1 1 
ATOM   107 O OE2 . GLU A 1 14 ? -3.252  14.638  11.074  1.00 47.60 ? 14  GLU A OE2 1 
ATOM   108 N N   . LYS A 1 15 ? 1.708   10.366  9.528   1.00 23.58 ? 15  LYS A N   1 
ATOM   109 C CA  . LYS A 1 15 ? 3.124   10.199  9.186   1.00 23.88 ? 15  LYS A CA  1 
ATOM   110 C C   . LYS A 1 15 ? 3.549   8.739   9.100   1.00 22.12 ? 15  LYS A C   1 
ATOM   111 O O   . LYS A 1 15 ? 4.710   8.450   8.798   1.00 19.78 ? 15  LYS A O   1 
ATOM   112 C CB  . LYS A 1 15 ? 3.958   10.870  10.287  1.00 25.65 ? 15  LYS A CB  1 
ATOM   113 C CG  . LYS A 1 15 ? 3.516   12.281  10.620  1.00 29.13 ? 15  LYS A CG  1 
ATOM   114 C CD  . LYS A 1 15 ? 4.153   13.308  9.709   1.00 35.54 ? 15  LYS A CD  1 
ATOM   115 C CE  . LYS A 1 15 ? 4.009   14.718  10.264  1.00 39.69 ? 15  LYS A CE  1 
ATOM   116 N NZ  . LYS A 1 15 ? 4.891   14.958  11.452  1.00 43.08 ? 15  LYS A NZ  1 
ATOM   117 N N   . HIS A 1 16 ? 2.619   7.816   9.332   1.00 20.79 ? 16  HIS A N   1 
ATOM   118 C CA  . HIS A 1 16 ? 2.937   6.400   9.280   1.00 19.93 ? 16  HIS A CA  1 
ATOM   119 C C   . HIS A 1 16 ? 1.814   5.586   8.666   1.00 20.36 ? 16  HIS A C   1 
ATOM   120 O O   . HIS A 1 16 ? 0.677   5.589   9.134   1.00 20.89 ? 16  HIS A O   1 
ATOM   121 C CB  . HIS A 1 16 ? 3.242   5.900   10.690  1.00 21.06 ? 16  HIS A CB  1 
ATOM   122 C CG  . HIS A 1 16 ? 3.486   4.437   10.819  1.00 24.51 ? 16  HIS A CG  1 
ATOM   123 N ND1 . HIS A 1 16 ? 4.600   3.798   10.316  1.00 25.50 ? 16  HIS A ND1 1 
ATOM   124 C CD2 . HIS A 1 16 ? 2.753   3.466   11.434  1.00 26.68 ? 16  HIS A CD2 1 
ATOM   125 C CE1 . HIS A 1 16 ? 4.541   2.507   10.585  1.00 23.58 ? 16  HIS A CE1 1 
ATOM   126 N NE2 . HIS A 1 16 ? 3.442   2.281   11.280  1.00 26.45 ? 16  HIS A NE2 1 
ATOM   127 N N   . LEU A 1 17 ? 2.133   4.885   7.575   1.00 18.99 ? 17  LEU A N   1 
ATOM   128 C CA  . LEU A 1 17 ? 1.093   4.058   6.943   1.00 17.26 ? 17  LEU A CA  1 
ATOM   129 C C   . LEU A 1 17 ? 1.547   2.602   6.962   1.00 15.02 ? 17  LEU A C   1 
ATOM   130 O O   . LEU A 1 17 ? 2.691   2.328   6.583   1.00 16.03 ? 17  LEU A O   1 
ATOM   131 C CB  . LEU A 1 17 ? 0.847   4.533   5.502   1.00 16.50 ? 17  LEU A CB  1 
ATOM   132 C CG  . LEU A 1 17 ? -0.246  3.722   4.756   1.00 14.53 ? 17  LEU A CG  1 
ATOM   133 C CD1 . LEU A 1 17 ? -1.612  4.118   5.289   1.00 10.41 ? 17  LEU A CD1 1 
ATOM   134 C CD2 . LEU A 1 17 ? -0.134  3.949   3.268   1.00 16.88 ? 17  LEU A CD2 1 
ATOM   135 N N   . ALA A 1 18 ? 0.731   1.690   7.481   1.00 9.95  ? 18  ALA A N   1 
ATOM   136 C CA  . ALA A 1 18 ? 1.133   0.271   7.463   1.00 9.43  ? 18  ALA A CA  1 
ATOM   137 C C   . ALA A 1 18 ? 0.017   -0.441  6.692   1.00 10.51 ? 18  ALA A C   1 
ATOM   138 O O   . ALA A 1 18 ? -1.147  -0.321  7.036   1.00 12.67 ? 18  ALA A O   1 
ATOM   139 C CB  . ALA A 1 18 ? 1.241   -0.284  8.869   1.00 7.17  ? 18  ALA A CB  1 
ATOM   140 N N   . VAL A 1 19 ? 0.383   -1.196  5.666   1.00 10.59 ? 19  VAL A N   1 
ATOM   141 C CA  . VAL A 1 19 ? -0.642  -1.834  4.852   1.00 11.93 ? 19  VAL A CA  1 
ATOM   142 C C   . VAL A 1 19 ? -0.306  -3.303  4.653   1.00 11.22 ? 19  VAL A C   1 
ATOM   143 O O   . VAL A 1 19 ? 0.792   -3.620  4.259   1.00 11.00 ? 19  VAL A O   1 
ATOM   144 C CB  . VAL A 1 19 ? -0.690  -1.210  3.433   1.00 11.89 ? 19  VAL A CB  1 
ATOM   145 C CG1 . VAL A 1 19 ? -1.860  -1.776  2.655   1.00 16.96 ? 19  VAL A CG1 1 
ATOM   146 C CG2 . VAL A 1 19 ? -0.879  0.302   3.512   1.00 18.83 ? 19  VAL A CG2 1 
ATOM   147 N N   . LEU A 1 20 ? -1.298  -4.142  4.865   1.00 15.91 ? 20  LEU A N   1 
ATOM   148 C CA  . LEU A 1 20 ? -1.149  -5.589  4.635   1.00 14.49 ? 20  LEU A CA  1 
ATOM   149 C C   . LEU A 1 20 ? -1.598  -5.769  3.180   1.00 15.56 ? 20  LEU A C   1 
ATOM   150 O O   . LEU A 1 20 ? -2.777  -5.548  2.867   1.00 15.57 ? 20  LEU A O   1 
ATOM   151 C CB  . LEU A 1 20 ? -2.083  -6.331  5.550   1.00 14.06 ? 20  LEU A CB  1 
ATOM   152 C CG  . LEU A 1 20 ? -1.827  -7.791  5.882   1.00 18.86 ? 20  LEU A CG  1 
ATOM   153 C CD1 . LEU A 1 20 ? -3.105  -8.363  6.501   1.00 21.59 ? 20  LEU A CD1 1 
ATOM   154 C CD2 . LEU A 1 20 ? -1.460  -8.627  4.675   1.00 19.36 ? 20  LEU A CD2 1 
ATOM   155 N N   . VAL A 1 21 ? -0.682  -6.150  2.323   1.00 15.76 ? 21  VAL A N   1 
ATOM   156 C CA  . VAL A 1 21 ? -0.988  -6.346  0.913   1.00 18.41 ? 21  VAL A CA  1 
ATOM   157 C C   . VAL A 1 21 ? -1.072  -7.850  0.642   1.00 22.39 ? 21  VAL A C   1 
ATOM   158 O O   . VAL A 1 21 ? -0.320  -8.640  1.222   1.00 23.91 ? 21  VAL A O   1 
ATOM   159 C CB  . VAL A 1 21 ? 0.108   -5.738  0.037   1.00 18.45 ? 21  VAL A CB  1 
ATOM   160 C CG1 . VAL A 1 21 ? -0.232  -5.891  -1.441  1.00 20.01 ? 21  VAL A CG1 1 
ATOM   161 C CG2 . VAL A 1 21 ? 0.305   -4.258  0.334   1.00 15.65 ? 21  VAL A CG2 1 
ATOM   162 N N   . LYS A 1 22 ? -2.031  -8.255  -0.185  1.00 23.82 ? 22  LYS A N   1 
ATOM   163 C CA  . LYS A 1 22 ? -2.182  -9.673  -0.512  1.00 24.72 ? 22  LYS A CA  1 
ATOM   164 C C   . LYS A 1 22 ? -2.562  -9.820  -1.977  1.00 26.04 ? 22  LYS A C   1 
ATOM   165 O O   . LYS A 1 22 ? -3.436  -9.110  -2.439  1.00 25.69 ? 22  LYS A O   1 
ATOM   166 C CB  . LYS A 1 22 ? -3.263  -10.335 0.313   1.00 22.29 ? 22  LYS A CB  1 
ATOM   167 C CG  . LYS A 1 22 ? -2.855  -10.590 1.741   1.00 26.81 ? 22  LYS A CG  1 
ATOM   168 C CD  . LYS A 1 22 ? -3.761  -11.638 2.352   1.00 31.73 ? 22  LYS A CD  1 
ATOM   169 C CE  . LYS A 1 22 ? -5.111  -11.061 2.702   1.00 33.03 ? 22  LYS A CE  1 
ATOM   170 N NZ  . LYS A 1 22 ? -5.075  -10.284 3.969   1.00 35.84 ? 22  LYS A NZ  1 
ATOM   171 N N   . TYR A 1 23 ? -1.849  -10.711 -2.667  1.00 26.41 ? 23  TYR A N   1 
ATOM   172 C CA  . TYR A 1 23 ? -2.099  -10.985 -4.079  1.00 23.99 ? 23  TYR A CA  1 
ATOM   173 C C   . TYR A 1 23 ? -2.339  -12.494 -4.109  1.00 25.39 ? 23  TYR A C   1 
ATOM   174 O O   . TYR A 1 23 ? -1.404  -13.234 -3.831  1.00 24.40 ? 23  TYR A O   1 
ATOM   175 C CB  . TYR A 1 23 ? -0.870  -10.684 -4.901  1.00 22.36 ? 23  TYR A CB  1 
ATOM   176 C CG  . TYR A 1 23 ? -1.084  -10.765 -6.382  1.00 24.96 ? 23  TYR A CG  1 
ATOM   177 C CD1 . TYR A 1 23 ? -1.027  -11.997 -7.032  1.00 25.30 ? 23  TYR A CD1 1 
ATOM   178 C CD2 . TYR A 1 23 ? -1.330  -9.641  -7.142  1.00 24.80 ? 23  TYR A CD2 1 
ATOM   179 C CE1 . TYR A 1 23 ? -1.202  -12.091 -8.385  1.00 27.75 ? 23  TYR A CE1 1 
ATOM   180 C CE2 . TYR A 1 23 ? -1.514  -9.731  -8.508  1.00 28.68 ? 23  TYR A CE2 1 
ATOM   181 C CZ  . TYR A 1 23 ? -1.449  -10.962 -9.123  1.00 29.48 ? 23  TYR A CZ  1 
ATOM   182 O OH  . TYR A 1 23 ? -1.625  -11.062 -10.492 1.00 31.74 ? 23  TYR A OH  1 
ATOM   183 N N   . GLU A 1 24 ? -3.554  -12.929 -4.421  1.00 25.98 ? 24  GLU A N   1 
ATOM   184 C CA  . GLU A 1 24 ? -3.728  -14.388 -4.357  1.00 27.99 ? 24  GLU A CA  1 
ATOM   185 C C   . GLU A 1 24 ? -2.784  -15.186 -5.232  1.00 23.85 ? 24  GLU A C   1 
ATOM   186 O O   . GLU A 1 24 ? -2.580  -14.887 -6.403  1.00 24.25 ? 24  GLU A O   1 
ATOM   187 C CB  . GLU A 1 24 ? -5.208  -14.745 -4.539  1.00 34.38 ? 24  GLU A CB  1 
ATOM   188 C CG  . GLU A 1 24 ? -6.169  -14.032 -3.584  1.00 44.45 ? 24  GLU A CG  1 
ATOM   189 C CD  . GLU A 1 24 ? -5.822  -14.108 -2.103  1.00 51.66 ? 24  GLU A CD  1 
ATOM   190 O OE1 . GLU A 1 24 ? -4.894  -13.388 -1.652  1.00 53.30 ? 24  GLU A OE1 1 
ATOM   191 O OE2 . GLU A 1 24 ? -6.490  -14.860 -1.338  1.00 54.31 ? 24  GLU A OE2 1 
ATOM   192 N N   . GLY A 1 25 ? -2.151  -16.216 -4.664  1.00 20.93 ? 25  GLY A N   1 
ATOM   193 C CA  . GLY A 1 25 ? -1.248  -17.084 -5.396  1.00 20.71 ? 25  GLY A CA  1 
ATOM   194 C C   . GLY A 1 25 ? 0.143   -16.567 -5.670  1.00 20.71 ? 25  GLY A C   1 
ATOM   195 O O   . GLY A 1 25 ? 0.917   -17.185 -6.407  1.00 20.37 ? 25  GLY A O   1 
ATOM   196 N N   . ASP A 1 26 ? 0.522   -15.442 -5.057  1.00 20.79 ? 26  ASP A N   1 
ATOM   197 C CA  . ASP A 1 26 ? 1.856   -14.861 -5.295  1.00 17.40 ? 26  ASP A CA  1 
ATOM   198 C C   . ASP A 1 26 ? 2.255   -14.130 -4.009  1.00 17.42 ? 26  ASP A C   1 
ATOM   199 O O   . ASP A 1 26 ? 1.430   -14.049 -3.089  1.00 15.97 ? 26  ASP A O   1 
ATOM   200 C CB  . ASP A 1 26 ? 1.789   -13.864 -6.437  1.00 16.17 ? 26  ASP A CB  1 
ATOM   201 C CG  . ASP A 1 26 ? 3.068   -13.698 -7.255  1.00 17.85 ? 26  ASP A CG  1 
ATOM   202 O OD1 . ASP A 1 26 ? 4.207   -13.900 -6.755  1.00 17.70 ? 26  ASP A OD1 1 
ATOM   203 O OD2 . ASP A 1 26 ? 2.945   -13.309 -8.437  1.00 13.83 ? 26  ASP A OD2 1 
ATOM   204 N N   . THR A 1 27 ? 3.468   -13.600 -3.960  1.00 15.04 ? 27  THR A N   1 
ATOM   205 C CA  . THR A 1 27 ? 3.965   -12.874 -2.801  1.00 16.38 ? 27  THR A CA  1 
ATOM   206 C C   . THR A 1 27 ? 4.661   -11.601 -3.307  1.00 12.54 ? 27  THR A C   1 
ATOM   207 O O   . THR A 1 27 ? 5.262   -11.590 -4.361  1.00 11.78 ? 27  THR A O   1 
ATOM   208 C CB  . THR A 1 27 ? 4.916   -13.716 -1.935  1.00 17.37 ? 27  THR A CB  1 
ATOM   209 O OG1 . THR A 1 27 ? 6.033   -14.120 -2.744  1.00 30.19 ? 27  THR A OG1 1 
ATOM   210 C CG2 . THR A 1 27 ? 4.265   -15.039 -1.540  1.00 20.27 ? 27  THR A CG2 1 
ATOM   211 N N   . MET A 1 28 ? 4.558   -10.524 -2.535  1.00 12.45 ? 28  MET A N   1 
ATOM   212 C CA  . MET A 1 28 ? 5.142   -9.252  -2.964  1.00 10.88 ? 28  MET A CA  1 
ATOM   213 C C   . MET A 1 28 ? 6.670   -9.222  -2.906  1.00 12.33 ? 28  MET A C   1 
ATOM   214 O O   . MET A 1 28 ? 7.231   -9.552  -1.835  1.00 13.09 ? 28  MET A O   1 
ATOM   215 C CB  . MET A 1 28 ? 4.645   -8.175  -2.001  1.00 11.08 ? 28  MET A CB  1 
ATOM   216 C CG  . MET A 1 28 ? 3.189   -7.804  -2.104  1.00 12.33 ? 28  MET A CG  1 
ATOM   217 S SD  . MET A 1 28 ? 2.783   -7.353  -3.784  1.00 16.21 ? 28  MET A SD  1 
ATOM   218 C CE  . MET A 1 28 ? 1.771   -8.707  -4.225  1.00 22.13 ? 28  MET A CE  1 
ATOM   219 N N   . ALA A 1 29 ? 7.295   -8.785  -3.985  1.00 11.24 ? 29  ALA A N   1 
ATOM   220 C CA  . ALA A 1 29 ? 8.772   -8.642  -4.021  1.00 10.40 ? 29  ALA A CA  1 
ATOM   221 C C   . ALA A 1 29 ? 9.127   -7.220  -3.623  1.00 11.59 ? 29  ALA A C   1 
ATOM   222 O O   . ALA A 1 29 ? 10.045  -6.939  -2.826  1.00 13.23 ? 29  ALA A O   1 
ATOM   223 C CB  . ALA A 1 29 ? 9.279   -8.892  -5.430  1.00 11.50 ? 29  ALA A CB  1 
ATOM   224 N N   . GLU A 1 30 ? 8.389   -6.246  -4.149  1.00 11.39 ? 30  GLU A N   1 
ATOM   225 C CA  . GLU A 1 30 ? 8.586   -4.826  -3.865  1.00 8.55  ? 30  GLU A CA  1 
ATOM   226 C C   . GLU A 1 30 ? 7.253   -4.074  -3.972  1.00 8.43  ? 30  GLU A C   1 
ATOM   227 O O   . GLU A 1 30 ? 6.466   -4.375  -4.862  1.00 7.14  ? 30  GLU A O   1 
ATOM   228 C CB  . GLU A 1 30 ? 9.540   -4.236  -4.902  1.00 6.29  ? 30  GLU A CB  1 
ATOM   229 C CG  . GLU A 1 30 ? 9.916   -2.794  -4.660  1.00 11.92 ? 30  GLU A CG  1 
ATOM   230 C CD  . GLU A 1 30 ? 10.614  -2.510  -3.346  1.00 17.80 ? 30  GLU A CD  1 
ATOM   231 O OE1 . GLU A 1 30 ? 10.317  -3.103  -2.270  1.00 20.09 ? 30  GLU A OE1 1 
ATOM   232 O OE2 . GLU A 1 30 ? 11.494  -1.630  -3.330  1.00 22.00 ? 30  GLU A OE2 1 
ATOM   233 N N   . VAL A 1 31 ? 6.995   -3.168  -3.052  1.00 6.78  ? 31  VAL A N   1 
ATOM   234 C CA  . VAL A 1 31 ? 5.774   -2.359  -3.041  1.00 6.79  ? 31  VAL A CA  1 
ATOM   235 C C   . VAL A 1 31 ? 6.188   -0.877  -2.913  1.00 7.41  ? 31  VAL A C   1 
ATOM   236 O O   . VAL A 1 31 ? 6.943   -0.482  -2.011  1.00 6.46  ? 31  VAL A O   1 
ATOM   237 C CB  . VAL A 1 31 ? 4.796   -2.698  -1.908  1.00 5.50  ? 31  VAL A CB  1 
ATOM   238 C CG1 . VAL A 1 31 ? 3.535   -1.836  -2.016  1.00 6.47  ? 31  VAL A CG1 1 
ATOM   239 C CG2 . VAL A 1 31 ? 4.341   -4.190  -1.915  1.00 3.65  ? 31  VAL A CG2 1 
ATOM   240 N N   . GLU A 1 32 ? 5.711   -0.075  -3.842  1.00 5.82  ? 32  GLU A N   1 
ATOM   241 C CA  . GLU A 1 32 ? 5.993   1.356   -3.853  1.00 7.87  ? 32  GLU A CA  1 
ATOM   242 C C   . GLU A 1 32 ? 4.721   2.166   -3.673  1.00 8.76  ? 32  GLU A C   1 
ATOM   243 O O   . GLU A 1 32 ? 3.639   1.751   -4.089  1.00 10.00 ? 32  GLU A O   1 
ATOM   244 C CB  . GLU A 1 32 ? 6.704   1.762   -5.125  1.00 7.92  ? 32  GLU A CB  1 
ATOM   245 C CG  . GLU A 1 32 ? 8.024   0.991   -5.296  1.00 7.59  ? 32  GLU A CG  1 
ATOM   246 C CD  . GLU A 1 32 ? 8.402   0.838   -6.726  1.00 9.39  ? 32  GLU A CD  1 
ATOM   247 O OE1 . GLU A 1 32 ? 7.693   1.325   -7.628  1.00 9.81  ? 32  GLU A OE1 1 
ATOM   248 O OE2 . GLU A 1 32 ? 9.431   0.161   -6.984  1.00 11.31 ? 32  GLU A OE2 1 
ATOM   249 N N   . LEU A 1 33 ? 4.886   3.346   -3.088  1.00 8.23  ? 33  LEU A N   1 
ATOM   250 C CA  . LEU A 1 33 ? 3.752   4.224   -2.820  1.00 9.12  ? 33  LEU A CA  1 
ATOM   251 C C   . LEU A 1 33 ? 3.873   5.558   -3.512  1.00 8.99  ? 33  LEU A C   1 
ATOM   252 O O   . LEU A 1 33 ? 4.970   6.122   -3.625  1.00 9.23  ? 33  LEU A O   1 
ATOM   253 C CB  . LEU A 1 33 ? 3.757   4.413   -1.294  1.00 12.22 ? 33  LEU A CB  1 
ATOM   254 C CG  . LEU A 1 33 ? 2.798   5.266   -0.513  1.00 16.33 ? 33  LEU A CG  1 
ATOM   255 C CD1 . LEU A 1 33 ? 3.217   6.723   -0.509  1.00 21.63 ? 33  LEU A CD1 1 
ATOM   256 C CD2 . LEU A 1 33 ? 1.350   5.120   -0.984  1.00 17.99 ? 33  LEU A CD2 1 
ATOM   257 N N   . ARG A 1 34 ? 2.743   6.081   -3.984  1.00 8.16  ? 34  ARG A N   1 
ATOM   258 C CA  . ARG A 1 34 ? 2.716   7.397   -4.619  1.00 10.74 ? 34  ARG A CA  1 
ATOM   259 C C   . ARG A 1 34 ? 1.541   8.124   -3.953  1.00 12.45 ? 34  ARG A C   1 
ATOM   260 O O   . ARG A 1 34 ? 0.388   7.723   -4.129  1.00 14.09 ? 34  ARG A O   1 
ATOM   261 C CB  . ARG A 1 34 ? 2.517   7.382   -6.127  1.00 8.94  ? 34  ARG A CB  1 
ATOM   262 C CG  . ARG A 1 34 ? 2.825   8.756   -6.757  1.00 11.43 ? 34  ARG A CG  1 
ATOM   263 C CD  . ARG A 1 34 ? 2.875   8.657   -8.279  1.00 14.93 ? 34  ARG A CD  1 
ATOM   264 N NE  . ARG A 1 34 ? 1.674   8.070   -8.840  1.00 19.52 ? 34  ARG A NE  1 
ATOM   265 C CZ  . ARG A 1 34 ? 0.475   8.590   -8.966  1.00 24.86 ? 34  ARG A CZ  1 
ATOM   266 N NH1 . ARG A 1 34 ? 0.211   9.844   -8.588  1.00 23.03 ? 34  ARG A NH1 1 
ATOM   267 N NH2 . ARG A 1 34 ? -0.518  7.832   -9.473  1.00 25.98 ? 34  ARG A NH2 1 
ATOM   268 N N   . GLU A 1 35 ? 1.831   9.142   -3.151  1.00 12.38 ? 35  GLU A N   1 
ATOM   269 C CA  . GLU A 1 35 ? 0.720   9.815   -2.515  1.00 15.87 ? 35  GLU A CA  1 
ATOM   270 C C   . GLU A 1 35 ? 0.053   10.763  -3.502  1.00 16.99 ? 35  GLU A C   1 
ATOM   271 O O   . GLU A 1 35 ? 0.557   11.088  -4.578  1.00 18.55 ? 35  GLU A O   1 
ATOM   272 C CB  . GLU A 1 35 ? 1.138   10.481  -1.221  1.00 19.50 ? 35  GLU A CB  1 
ATOM   273 C CG  . GLU A 1 35 ? 2.213   11.534  -1.278  1.00 25.49 ? 35  GLU A CG  1 
ATOM   274 C CD  . GLU A 1 35 ? 2.502   12.214  0.047   1.00 29.91 ? 35  GLU A CD  1 
ATOM   275 O OE1 . GLU A 1 35 ? 1.608   12.856  0.636   1.00 30.00 ? 35  GLU A OE1 1 
ATOM   276 O OE2 . GLU A 1 35 ? 3.660   12.132  0.523   1.00 35.27 ? 35  GLU A OE2 1 
ATOM   277 N N   . HIS A 1 36 ? -1.156  11.193  -3.172  1.00 17.92 ? 36  HIS A N   1 
ATOM   278 C CA  . HIS A 1 36 ? -1.877  12.125  -4.037  1.00 20.49 ? 36  HIS A CA  1 
ATOM   279 C C   . HIS A 1 36 ? -1.055  13.409  -4.216  1.00 20.58 ? 36  HIS A C   1 
ATOM   280 O O   . HIS A 1 36 ? -0.571  14.020  -3.265  1.00 19.20 ? 36  HIS A O   1 
ATOM   281 C CB  . HIS A 1 36 ? -3.193  12.484  -3.335  1.00 23.81 ? 36  HIS A CB  1 
ATOM   282 C CG  . HIS A 1 36 ? -4.086  13.354  -4.164  1.00 27.14 ? 36  HIS A CG  1 
ATOM   283 N ND1 . HIS A 1 36 ? -4.818  12.849  -5.222  1.00 29.98 ? 36  HIS A ND1 1 
ATOM   284 C CD2 . HIS A 1 36 ? -4.349  14.683  -4.093  1.00 27.39 ? 36  HIS A CD2 1 
ATOM   285 C CE1 . HIS A 1 36 ? -5.511  13.840  -5.767  1.00 31.65 ? 36  HIS A CE1 1 
ATOM   286 N NE2 . HIS A 1 36 ? -5.250  14.952  -5.105  1.00 31.36 ? 36  HIS A NE2 1 
ATOM   287 N N   . GLY A 1 37 ? -0.856  13.820  -5.457  1.00 23.45 ? 37  GLY A N   1 
ATOM   288 C CA  . GLY A 1 37 ? -0.098  15.032  -5.722  1.00 26.76 ? 37  GLY A CA  1 
ATOM   289 C C   . GLY A 1 37 ? 1.387   14.803  -5.913  1.00 28.51 ? 37  GLY A C   1 
ATOM   290 O O   . GLY A 1 37 ? 2.133   15.786  -6.051  1.00 30.09 ? 37  GLY A O   1 
ATOM   291 N N   . SER A 1 38 ? 1.823   13.554  -5.909  1.00 27.57 ? 38  SER A N   1 
ATOM   292 C CA  . SER A 1 38 ? 3.244   13.241  -6.098  1.00 26.22 ? 38  SER A CA  1 
ATOM   293 C C   . SER A 1 38 ? 3.434   12.544  -7.446  1.00 25.91 ? 38  SER A C   1 
ATOM   294 O O   . SER A 1 38 ? 2.561   11.829  -7.914  1.00 24.14 ? 38  SER A O   1 
ATOM   295 C CB  . SER A 1 38 ? 3.722   12.323  -4.977  1.00 25.91 ? 38  SER A CB  1 
ATOM   296 O OG  . SER A 1 38 ? 5.085   11.968  -5.114  1.00 32.51 ? 38  SER A OG  1 
ATOM   297 N N   . ASP A 1 39 ? 4.597   12.799  -8.050  1.00 24.28 ? 39  ASP A N   1 
ATOM   298 C CA  . ASP A 1 39 ? 4.921   12.194  -9.327  1.00 24.56 ? 39  ASP A CA  1 
ATOM   299 C C   . ASP A 1 39 ? 5.983   11.117  -9.110  1.00 21.77 ? 39  ASP A C   1 
ATOM   300 O O   . ASP A 1 39 ? 6.486   10.571  -10.068 1.00 23.06 ? 39  ASP A O   1 
ATOM   301 C CB  . ASP A 1 39 ? 5.513   13.249  -10.262 1.00 34.19 ? 39  ASP A CB  1 
ATOM   302 C CG  . ASP A 1 39 ? 4.529   14.342  -10.643 1.00 42.55 ? 39  ASP A CG  1 
ATOM   303 O OD1 . ASP A 1 39 ? 3.324   14.250  -10.309 1.00 45.78 ? 39  ASP A OD1 1 
ATOM   304 O OD2 . ASP A 1 39 ? 4.964   15.330  -11.288 1.00 49.60 ? 39  ASP A OD2 1 
ATOM   305 N N   . GLU A 1 40 ? 6.311   10.817  -7.863  1.00 19.47 ? 40  GLU A N   1 
ATOM   306 C CA  . GLU A 1 40 ? 7.323   9.804   -7.573  1.00 20.23 ? 40  GLU A CA  1 
ATOM   307 C C   . GLU A 1 40 ? 6.819   8.553   -6.856  1.00 17.35 ? 40  GLU A C   1 
ATOM   308 O O   . GLU A 1 40 ? 5.975   8.627   -5.965  1.00 19.53 ? 40  GLU A O   1 
ATOM   309 C CB  . GLU A 1 40 ? 8.348   10.403  -6.587  1.00 25.74 ? 40  GLU A CB  1 
ATOM   310 C CG  . GLU A 1 40 ? 9.218   11.511  -7.129  1.00 32.72 ? 40  GLU A CG  1 
ATOM   311 C CD  . GLU A 1 40 ? 10.322  11.835  -6.121  1.00 40.43 ? 40  GLU A CD  1 
ATOM   312 O OE1 . GLU A 1 40 ? 10.065  11.777  -4.890  1.00 45.85 ? 40  GLU A OE1 1 
ATOM   313 O OE2 . GLU A 1 40 ? 11.446  12.092  -6.586  1.00 45.89 ? 40  GLU A OE2 1 
ATOM   314 N N   . TRP A 1 41 ? 7.331   7.408   -7.283  1.00 12.58 ? 41  TRP A N   1 
ATOM   315 C CA  . TRP A 1 41 ? 7.045   6.120   -6.672  1.00 10.14 ? 41  TRP A CA  1 
ATOM   316 C C   . TRP A 1 41 ? 8.154   5.869   -5.640  1.00 9.11  ? 41  TRP A C   1 
ATOM   317 O O   . TRP A 1 41 ? 9.316   5.661   -5.962  1.00 10.75 ? 41  TRP A O   1 
ATOM   318 C CB  . TRP A 1 41 ? 7.030   5.022   -7.721  1.00 10.57 ? 41  TRP A CB  1 
ATOM   319 C CG  . TRP A 1 41 ? 5.805   5.057   -8.607  1.00 14.75 ? 41  TRP A CG  1 
ATOM   320 C CD1 . TRP A 1 41 ? 5.753   5.398   -9.932  1.00 14.20 ? 41  TRP A CD1 1 
ATOM   321 C CD2 . TRP A 1 41 ? 4.475   4.695   -8.225  1.00 12.31 ? 41  TRP A CD2 1 
ATOM   322 N NE1 . TRP A 1 41 ? 4.471   5.272   -10.399 1.00 15.03 ? 41  TRP A NE1 1 
ATOM   323 C CE2 . TRP A 1 41 ? 3.654   4.847   -9.378  1.00 15.33 ? 41  TRP A CE2 1 
ATOM   324 C CE3 . TRP A 1 41 ? 3.869   4.297   -7.041  1.00 12.39 ? 41  TRP A CE3 1 
ATOM   325 C CZ2 . TRP A 1 41 ? 2.276   4.615   -9.365  1.00 9.59  ? 41  TRP A CZ2 1 
ATOM   326 C CZ3 . TRP A 1 41 ? 2.493   4.067   -7.034  1.00 10.11 ? 41  TRP A CZ3 1 
ATOM   327 C CH2 . TRP A 1 41 ? 1.714   4.210   -8.191  1.00 10.47 ? 41  TRP A CH2 1 
ATOM   328 N N   . VAL A 1 42 ? 7.823   5.964   -4.362  1.00 10.50 ? 42  VAL A N   1 
ATOM   329 C CA  . VAL A 1 42 ? 8.815   5.772   -3.282  1.00 9.73  ? 42  VAL A CA  1 
ATOM   330 C C   . VAL A 1 42 ? 8.678   4.395   -2.665  1.00 9.39  ? 42  VAL A C   1 
ATOM   331 O O   . VAL A 1 42 ? 7.552   3.934   -2.382  1.00 11.18 ? 42  VAL A O   1 
ATOM   332 C CB  . VAL A 1 42 ? 8.636   6.848   -2.207  1.00 12.49 ? 42  VAL A CB  1 
ATOM   333 C CG1 . VAL A 1 42 ? 9.639   6.633   -1.069  1.00 17.09 ? 42  VAL A CG1 1 
ATOM   334 C CG2 . VAL A 1 42 ? 8.874   8.233   -2.776  1.00 11.07 ? 42  VAL A CG2 1 
ATOM   335 N N   . ALA A 1 43 ? 9.786   3.678   -2.487  1.00 11.11 ? 43  ALA A N   1 
ATOM   336 C CA  . ALA A 1 43 ? 9.734   2.329   -1.924  1.00 9.74  ? 43  ALA A CA  1 
ATOM   337 C C   . ALA A 1 43 ? 9.249   2.253   -0.497  1.00 10.19 ? 43  ALA A C   1 
ATOM   338 O O   . ALA A 1 43 ? 9.602   3.079   0.369   1.00 10.84 ? 43  ALA A O   1 
ATOM   339 C CB  . ALA A 1 43 ? 11.087  1.610   -2.004  1.00 7.95  ? 43  ALA A CB  1 
ATOM   340 N N   . MET A 1 44 ? 8.382   1.271   -0.246  1.00 7.63  ? 44  MET A N   1 
ATOM   341 C CA  . MET A 1 44 ? 7.876   1.025   1.088   1.00 8.96  ? 44  MET A CA  1 
ATOM   342 C C   . MET A 1 44 ? 8.870   0.020   1.736   1.00 9.74  ? 44  MET A C   1 
ATOM   343 O O   . MET A 1 44 ? 9.728   -0.548  1.062   1.00 11.63 ? 44  MET A O   1 
ATOM   344 C CB  . MET A 1 44 ? 6.462   0.441   1.083   1.00 9.05  ? 44  MET A CB  1 
ATOM   345 C CG  . MET A 1 44 ? 5.436   1.476   0.545   1.00 8.65  ? 44  MET A CG  1 
ATOM   346 S SD  . MET A 1 44 ? 3.734   0.826   0.605   1.00 13.63 ? 44  MET A SD  1 
ATOM   347 C CE  . MET A 1 44 ? 3.334   1.155   2.295   1.00 2.98  ? 44  MET A CE  1 
ATOM   348 N N   . THR A 1 45 ? 8.780   -0.126  3.038   1.00 10.58 ? 45  THR A N   1 
ATOM   349 C CA  . THR A 1 45 ? 9.668   -1.042  3.760   1.00 9.58  ? 45  THR A CA  1 
ATOM   350 C C   . THR A 1 45 ? 8.941   -2.318  4.058   1.00 8.43  ? 45  THR A C   1 
ATOM   351 O O   . THR A 1 45 ? 7.828   -2.275  4.577   1.00 9.34  ? 45  THR A O   1 
ATOM   352 C CB  . THR A 1 45 ? 10.036  -0.404  5.109   1.00 11.92 ? 45  THR A CB  1 
ATOM   353 O OG1 . THR A 1 45 ? 10.675  0.859   4.840   1.00 16.66 ? 45  THR A OG1 1 
ATOM   354 C CG2 . THR A 1 45 ? 10.924  -1.328  5.921   1.00 15.79 ? 45  THR A CG2 1 
ATOM   355 N N   . LYS A 1 46 ? 9.571   -3.455  3.761   1.00 10.02 ? 46  LYS A N   1 
ATOM   356 C CA  . LYS A 1 46 ? 8.957   -4.746  4.014   1.00 10.82 ? 46  LYS A CA  1 
ATOM   357 C C   . LYS A 1 46 ? 8.956   -5.088  5.510   1.00 14.17 ? 46  LYS A C   1 
ATOM   358 O O   . LYS A 1 46 ? 10.013  -5.214  6.148   1.00 13.18 ? 46  LYS A O   1 
ATOM   359 C CB  . LYS A 1 46 ? 9.668   -5.849  3.245   1.00 8.32  ? 46  LYS A CB  1 
ATOM   360 C CG  . LYS A 1 46 ? 9.063   -7.217  3.436   1.00 16.39 ? 46  LYS A CG  1 
ATOM   361 C CD  . LYS A 1 46 ? 9.739   -8.255  2.554   1.00 22.56 ? 46  LYS A CD  1 
ATOM   362 C CE  . LYS A 1 46 ? 9.141   -9.643  2.724   1.00 28.37 ? 46  LYS A CE  1 
ATOM   363 N NZ  . LYS A 1 46 ? 7.759   -9.754  2.142   1.00 34.31 ? 46  LYS A NZ  1 
ATOM   364 N N   . GLY A 1 47 ? 7.758   -5.294  6.056   1.00 12.53 ? 47  GLY A N   1 
ATOM   365 C CA  . GLY A 1 47 ? 7.605   -5.638  7.459   1.00 12.59 ? 47  GLY A CA  1 
ATOM   366 C C   . GLY A 1 47 ? 7.412   -7.145  7.546   1.00 13.19 ? 47  GLY A C   1 
ATOM   367 O O   . GLY A 1 47 ? 7.699   -7.861  6.591   1.00 14.32 ? 47  GLY A O   1 
ATOM   368 N N   . GLU A 1 48 ? 6.867   -7.612  8.662   1.00 15.70 ? 48  GLU A N   1 
ATOM   369 C CA  . GLU A 1 48 ? 6.648   -9.032  8.868   1.00 18.25 ? 48  GLU A CA  1 
ATOM   370 C C   . GLU A 1 48 ? 5.212   -9.384  8.467   1.00 18.25 ? 48  GLU A C   1 
ATOM   371 O O   . GLU A 1 48 ? 4.308   -8.560  8.595   1.00 17.69 ? 48  GLU A O   1 
ATOM   372 C CB  . GLU A 1 48 ? 6.818   -9.404  10.351  1.00 19.89 ? 48  GLU A CB  1 
ATOM   373 C CG  . GLU A 1 48 ? 8.144   -9.052  10.988  1.00 24.40 ? 48  GLU A CG  1 
ATOM   374 C CD  . GLU A 1 48 ? 9.299   -9.870  10.407  1.00 25.48 ? 48  GLU A CD  1 
ATOM   375 O OE1 . GLU A 1 48 ? 9.089   -11.038 10.048  1.00 26.51 ? 48  GLU A OE1 1 
ATOM   376 O OE2 . GLU A 1 48 ? 10.406  -9.323  10.316  1.00 29.85 ? 48  GLU A OE2 1 
ATOM   377 N N   . GLY A 1 49 ? 5.051   -10.612 7.988   1.00 16.42 ? 49  GLY A N   1 
ATOM   378 C CA  . GLY A 1 49 ? 3.762   -11.131 7.596   1.00 17.43 ? 49  GLY A CA  1 
ATOM   379 C C   . GLY A 1 49 ? 2.984   -10.496 6.470   1.00 17.98 ? 49  GLY A C   1 
ATOM   380 O O   . GLY A 1 49 ? 1.730   -10.530 6.510   1.00 20.32 ? 49  GLY A O   1 
ATOM   381 N N   . GLY A 1 50 ? 3.631   -9.917  5.477   1.00 15.96 ? 50  GLY A N   1 
ATOM   382 C CA  . GLY A 1 50 ? 2.948   -9.288  4.353   1.00 14.25 ? 50  GLY A CA  1 
ATOM   383 C C   . GLY A 1 50 ? 2.644   -7.805  4.547   1.00 12.59 ? 50  GLY A C   1 
ATOM   384 O O   . GLY A 1 50 ? 2.100   -7.177  3.643   1.00 12.37 ? 50  GLY A O   1 
ATOM   385 N N   . VAL A 1 51 ? 3.008   -7.235  5.691   1.00 9.35  ? 51  VAL A N   1 
ATOM   386 C CA  . VAL A 1 51 ? 2.771   -5.836  5.960   1.00 9.57  ? 51  VAL A CA  1 
ATOM   387 C C   . VAL A 1 51 ? 3.930   -5.013  5.402   1.00 11.88 ? 51  VAL A C   1 
ATOM   388 O O   . VAL A 1 51 ? 5.090   -5.462  5.428   1.00 14.29 ? 51  VAL A O   1 
ATOM   389 C CB  . VAL A 1 51 ? 2.622   -5.578  7.469   1.00 7.85  ? 51  VAL A CB  1 
ATOM   390 C CG1 . VAL A 1 51 ? 2.412   -4.103  7.791   1.00 8.20  ? 51  VAL A CG1 1 
ATOM   391 C CG2 . VAL A 1 51 ? 1.477   -6.417  8.059   1.00 7.45  ? 51  VAL A CG2 1 
ATOM   392 N N   . TRP A 1 52 ? 3.617   -3.884  4.781   1.00 10.92 ? 52  TRP A N   1 
ATOM   393 C CA  . TRP A 1 52 ? 4.552   -2.958  4.192   1.00 10.39 ? 52  TRP A CA  1 
ATOM   394 C C   . TRP A 1 52 ? 4.292   -1.603  4.856   1.00 9.49  ? 52  TRP A C   1 
ATOM   395 O O   . TRP A 1 52 ? 3.130   -1.281  5.130   1.00 11.01 ? 52  TRP A O   1 
ATOM   396 C CB  . TRP A 1 52 ? 4.341   -2.826  2.659   1.00 8.55  ? 52  TRP A CB  1 
ATOM   397 C CG  . TRP A 1 52 ? 4.796   -4.092  1.960   1.00 5.43  ? 52  TRP A CG  1 
ATOM   398 C CD1 . TRP A 1 52 ? 4.099   -5.251  1.861   1.00 5.68  ? 52  TRP A CD1 1 
ATOM   399 C CD2 . TRP A 1 52 ? 6.051   -4.333  1.315   1.00 5.20  ? 52  TRP A CD2 1 
ATOM   400 N NE1 . TRP A 1 52 ? 4.828   -6.186  1.205   1.00 8.05  ? 52  TRP A NE1 1 
ATOM   401 C CE2 . TRP A 1 52 ? 6.052   -5.654  0.863   1.00 3.83  ? 52  TRP A CE2 1 
ATOM   402 C CE3 . TRP A 1 52 ? 7.181   -3.531  1.078   1.00 6.23  ? 52  TRP A CE3 1 
ATOM   403 C CZ2 . TRP A 1 52 ? 7.099   -6.239  0.163   1.00 4.98  ? 52  TRP A CZ2 1 
ATOM   404 C CZ3 . TRP A 1 52 ? 8.245   -4.124  0.388   1.00 5.72  ? 52  TRP A CZ3 1 
ATOM   405 C CH2 . TRP A 1 52 ? 8.204   -5.425  -0.042  1.00 5.43  ? 52  TRP A CH2 1 
ATOM   406 N N   . THR A 1 53 ? 5.361   -0.915  5.219   1.00 10.27 ? 53  THR A N   1 
ATOM   407 C CA  . THR A 1 53 ? 5.170   0.368   5.904   1.00 11.37 ? 53  THR A CA  1 
ATOM   408 C C   . THR A 1 53 ? 5.906   1.520   5.253   1.00 11.42 ? 53  THR A C   1 
ATOM   409 O O   . THR A 1 53 ? 6.853   1.345   4.506   1.00 11.29 ? 53  THR A O   1 
ATOM   410 C CB  . THR A 1 53 ? 5.658   0.310   7.369   1.00 13.56 ? 53  THR A CB  1 
ATOM   411 O OG1 . THR A 1 53 ? 7.075   0.112   7.412   1.00 15.08 ? 53  THR A OG1 1 
ATOM   412 C CG2 . THR A 1 53 ? 4.967   -0.834  8.102   1.00 16.16 ? 53  THR A CG2 1 
ATOM   413 N N   . PHE A 1 54 ? 5.448   2.721   5.604   1.00 12.18 ? 54  PHE A N   1 
ATOM   414 C CA  . PHE A 1 54 ? 6.040   3.930   5.103   1.00 14.59 ? 54  PHE A CA  1 
ATOM   415 C C   . PHE A 1 54 ? 5.972   5.014   6.181   1.00 15.92 ? 54  PHE A C   1 
ATOM   416 O O   . PHE A 1 54 ? 4.899   5.323   6.691   1.00 16.44 ? 54  PHE A O   1 
ATOM   417 C CB  . PHE A 1 54 ? 5.326   4.417   3.816   1.00 13.71 ? 54  PHE A CB  1 
ATOM   418 C CG  . PHE A 1 54 ? 6.073   5.543   3.181   1.00 13.46 ? 54  PHE A CG  1 
ATOM   419 C CD1 . PHE A 1 54 ? 7.201   5.291   2.415   1.00 15.81 ? 54  PHE A CD1 1 
ATOM   420 C CD2 . PHE A 1 54 ? 5.719   6.847   3.445   1.00 15.84 ? 54  PHE A CD2 1 
ATOM   421 C CE1 . PHE A 1 54 ? 7.944   6.357   1.906   1.00 21.12 ? 54  PHE A CE1 1 
ATOM   422 C CE2 . PHE A 1 54 ? 6.454   7.913   2.923   1.00 18.35 ? 54  PHE A CE2 1 
ATOM   423 C CZ  . PHE A 1 54 ? 7.569   7.672   2.155   1.00 16.71 ? 54  PHE A CZ  1 
ATOM   424 N N   . ASP A 1 55 ? 7.124   5.577   6.503   1.00 17.69 ? 55  ASP A N   1 
ATOM   425 C CA  . ASP A 1 55 ? 7.287   6.652   7.467   1.00 19.29 ? 55  ASP A CA  1 
ATOM   426 C C   . ASP A 1 55 ? 7.715   7.922   6.720   1.00 16.89 ? 55  ASP A C   1 
ATOM   427 O O   . ASP A 1 55 ? 8.633   7.919   5.904   1.00 13.85 ? 55  ASP A O   1 
ATOM   428 C CB  . ASP A 1 55 ? 8.326   6.292   8.549   1.00 16.83 ? 55  ASP A CB  1 
ATOM   429 C CG  . ASP A 1 55 ? 7.828   5.187   9.442   1.00 18.46 ? 55  ASP A CG  1 
ATOM   430 O OD1 . ASP A 1 55 ? 6.845   5.404   10.168  1.00 21.70 ? 55  ASP A OD1 1 
ATOM   431 O OD2 . ASP A 1 55 ? 8.352   4.053   9.388   1.00 21.43 ? 55  ASP A OD2 1 
ATOM   432 N N   . SER A 1 56 ? 6.978   9.014   6.978   1.00 19.29 ? 56  SER A N   1 
ATOM   433 C CA  . SER A 1 56 ? 7.259   10.286  6.307   1.00 22.01 ? 56  SER A CA  1 
ATOM   434 C C   . SER A 1 56 ? 7.458   11.411  7.313   1.00 24.68 ? 56  SER A C   1 
ATOM   435 O O   . SER A 1 56 ? 6.888   11.343  8.400   1.00 26.03 ? 56  SER A O   1 
ATOM   436 C CB  . SER A 1 56 ? 6.042   10.647  5.451   1.00 22.01 ? 56  SER A CB  1 
ATOM   437 O OG  . SER A 1 56 ? 6.341   11.796  4.669   1.00 31.68 ? 56  SER A OG  1 
ATOM   438 N N   . GLU A 1 57 ? 8.211   12.450  6.953   1.00 29.35 ? 57  GLU A N   1 
ATOM   439 C CA  . GLU A 1 57 ? 8.412   13.562  7.898   1.00 35.69 ? 57  GLU A CA  1 
ATOM   440 C C   . GLU A 1 57 ? 7.278   14.572  7.782   1.00 35.90 ? 57  GLU A C   1 
ATOM   441 O O   . GLU A 1 57 ? 6.926   15.305  8.712   1.00 34.95 ? 57  GLU A O   1 
ATOM   442 C CB  . GLU A 1 57 ? 9.764   14.240  7.690   1.00 42.17 ? 57  GLU A CB  1 
ATOM   443 C CG  . GLU A 1 57 ? 10.175  15.249  8.771   1.00 52.03 ? 57  GLU A CG  1 
ATOM   444 C CD  . GLU A 1 57 ? 10.408  14.623  10.142  1.00 59.50 ? 57  GLU A CD  1 
ATOM   445 O OE1 . GLU A 1 57 ? 10.912  13.471  10.207  1.00 61.30 ? 57  GLU A OE1 1 
ATOM   446 O OE2 . GLU A 1 57 ? 10.094  15.277  11.173  1.00 60.54 ? 57  GLU A OE2 1 
ATOM   447 N N   . GLU A 1 58 ? 6.657   14.604  6.604   1.00 36.42 ? 58  GLU A N   1 
ATOM   448 C CA  . GLU A 1 58 ? 5.519   15.501  6.366   1.00 35.81 ? 58  GLU A CA  1 
ATOM   449 C C   . GLU A 1 58 ? 4.268   14.626  6.358   1.00 32.35 ? 58  GLU A C   1 
ATOM   450 O O   . GLU A 1 58 ? 4.389   13.389  6.281   1.00 31.55 ? 58  GLU A O   1 
ATOM   451 C CB  . GLU A 1 58 ? 5.658   16.199  5.018   1.00 39.78 ? 58  GLU A CB  1 
ATOM   452 C CG  . GLU A 1 58 ? 6.647   17.361  5.009   1.00 46.31 ? 58  GLU A CG  1 
ATOM   453 C CD  . GLU A 1 58 ? 7.548   17.292  3.791   1.00 50.58 ? 58  GLU A CD  1 
ATOM   454 O OE1 . GLU A 1 58 ? 7.033   17.192  2.652   1.00 53.91 ? 58  GLU A OE1 1 
ATOM   455 O OE2 . GLU A 1 58 ? 8.780   17.319  3.968   1.00 53.66 ? 58  GLU A OE2 1 
ATOM   456 N N   . PRO A 1 59 ? 3.098   15.241  6.449   1.00 28.11 ? 59  PRO A N   1 
ATOM   457 C CA  . PRO A 1 59 ? 1.838   14.501  6.441   1.00 25.51 ? 59  PRO A CA  1 
ATOM   458 C C   . PRO A 1 59 ? 1.639   13.755  5.117   1.00 22.50 ? 59  PRO A C   1 
ATOM   459 O O   . PRO A 1 59 ? 2.065   14.206  4.053   1.00 21.37 ? 59  PRO A O   1 
ATOM   460 C CB  . PRO A 1 59 ? 0.778   15.588  6.667   1.00 24.51 ? 59  PRO A CB  1 
ATOM   461 C CG  . PRO A 1 59 ? 1.530   16.735  7.237   1.00 25.18 ? 59  PRO A CG  1 
ATOM   462 C CD  . PRO A 1 59 ? 2.880   16.694  6.569   1.00 26.15 ? 59  PRO A CD  1 
ATOM   463 N N   . LEU A 1 60 ? 1.034   12.568  5.205   1.00 20.94 ? 60  LEU A N   1 
ATOM   464 C CA  . LEU A 1 60 ? 0.795   11.780  3.994   1.00 18.21 ? 60  LEU A CA  1 
ATOM   465 C C   . LEU A 1 60 ? -0.585  12.180  3.500   1.00 20.97 ? 60  LEU A C   1 
ATOM   466 O O   . LEU A 1 60 ? -1.505  12.283  4.308   1.00 22.26 ? 60  LEU A O   1 
ATOM   467 C CB  . LEU A 1 60 ? 0.820   10.292  4.330   1.00 17.07 ? 60  LEU A CB  1 
ATOM   468 C CG  . LEU A 1 60 ? 2.226   9.741   4.651   1.00 18.27 ? 60  LEU A CG  1 
ATOM   469 C CD1 . LEU A 1 60 ? 2.141   8.334   5.218   1.00 18.11 ? 60  LEU A CD1 1 
ATOM   470 C CD2 . LEU A 1 60 ? 3.045   9.728   3.370   1.00 18.23 ? 60  LEU A CD2 1 
ATOM   471 N N   . GLN A 1 61 ? -0.713  12.452  2.212   1.00 22.33 ? 61  GLN A N   1 
ATOM   472 C CA  . GLN A 1 61 ? -1.964  12.878  1.624   1.00 24.51 ? 61  GLN A CA  1 
ATOM   473 C C   . GLN A 1 61 ? -2.501  11.827  0.660   1.00 21.62 ? 61  GLN A C   1 
ATOM   474 O O   . GLN A 1 61 ? -1.827  11.488  -0.315  1.00 21.99 ? 61  GLN A O   1 
ATOM   475 C CB  . GLN A 1 61 ? -1.758  14.162  0.804   1.00 31.21 ? 61  GLN A CB  1 
ATOM   476 C CG  . GLN A 1 61 ? -2.410  15.420  1.367   1.00 38.35 ? 61  GLN A CG  1 
ATOM   477 C CD  . GLN A 1 61 ? -3.839  15.630  0.904   1.00 41.46 ? 61  GLN A CD  1 
ATOM   478 O OE1 . GLN A 1 61 ? -4.433  14.806  0.192   1.00 45.21 ? 61  GLN A OE1 1 
ATOM   479 N NE2 . GLN A 1 61 ? -4.428  16.757  1.308   1.00 44.16 ? 61  GLN A NE2 1 
ATOM   480 N N   . GLY A 1 62 ? -3.683  11.318  0.972   1.00 20.98 ? 62  GLY A N   1 
ATOM   481 C CA  . GLY A 1 62 ? -4.357  10.334  0.128   1.00 18.29 ? 62  GLY A CA  1 
ATOM   482 C C   . GLY A 1 62 ? -5.291  11.090  -0.837  1.00 17.32 ? 62  GLY A C   1 
ATOM   483 O O   . GLY A 1 62 ? -5.371  12.348  -0.791  1.00 16.72 ? 62  GLY A O   1 
ATOM   484 N N   . PRO A 1 63 ? -5.955  10.357  -1.725  1.00 17.07 ? 63  PRO A N   1 
ATOM   485 C CA  . PRO A 1 63 ? -5.882  8.902   -1.830  1.00 15.68 ? 63  PRO A CA  1 
ATOM   486 C C   . PRO A 1 63 ? -4.491  8.366   -2.225  1.00 14.35 ? 63  PRO A C   1 
ATOM   487 O O   . PRO A 1 63 ? -3.713  9.048   -2.873  1.00 12.30 ? 63  PRO A O   1 
ATOM   488 C CB  . PRO A 1 63 ? -6.930  8.560   -2.882  1.00 16.18 ? 63  PRO A CB  1 
ATOM   489 C CG  . PRO A 1 63 ? -7.110  9.819   -3.639  1.00 14.07 ? 63  PRO A CG  1 
ATOM   490 C CD  . PRO A 1 63 ? -6.890  10.934  -2.707  1.00 14.29 ? 63  PRO A CD  1 
ATOM   491 N N   . PHE A 1 64 ? -4.226  7.110   -1.850  1.00 13.52 ? 64  PHE A N   1 
ATOM   492 C CA  . PHE A 1 64 ? -2.910  6.486   -2.104  1.00 11.28 ? 64  PHE A CA  1 
ATOM   493 C C   . PHE A 1 64 ? -2.931  5.545   -3.300  1.00 11.94 ? 64  PHE A C   1 
ATOM   494 O O   . PHE A 1 64 ? -3.890  4.830   -3.560  1.00 12.30 ? 64  PHE A O   1 
ATOM   495 C CB  . PHE A 1 64 ? -2.484  5.704   -0.856  1.00 7.75  ? 64  PHE A CB  1 
ATOM   496 C CG  . PHE A 1 64 ? -2.388  6.598   0.354   1.00 10.38 ? 64  PHE A CG  1 
ATOM   497 C CD1 . PHE A 1 64 ? -1.279  7.442   0.523   1.00 11.95 ? 64  PHE A CD1 1 
ATOM   498 C CD2 . PHE A 1 64 ? -3.361  6.616   1.318   1.00 12.23 ? 64  PHE A CD2 1 
ATOM   499 C CE1 . PHE A 1 64 ? -1.178  8.255   1.646   1.00 11.58 ? 64  PHE A CE1 1 
ATOM   500 C CE2 . PHE A 1 64 ? -3.292  7.481   2.426   1.00 12.34 ? 64  PHE A CE2 1 
ATOM   501 C CZ  . PHE A 1 64 ? -2.182  8.290   2.585   1.00 11.46 ? 64  PHE A CZ  1 
ATOM   502 N N   . ASN A 1 65 ? -1.828  5.552   -4.034  1.00 10.20 ? 65  ASN A N   1 
ATOM   503 C CA  . ASN A 1 65 ? -1.649  4.755   -5.235  1.00 10.81 ? 65  ASN A CA  1 
ATOM   504 C C   . ASN A 1 65 ? -0.504  3.792   -4.917  1.00 10.24 ? 65  ASN A C   1 
ATOM   505 O O   . ASN A 1 65 ? 0.445   4.220   -4.259  1.00 12.03 ? 65  ASN A O   1 
ATOM   506 C CB  . ASN A 1 65 ? -1.231  5.677   -6.392  1.00 9.56  ? 65  ASN A CB  1 
ATOM   507 C CG  . ASN A 1 65 ? -2.162  6.853   -6.566  1.00 10.23 ? 65  ASN A CG  1 
ATOM   508 O OD1 . ASN A 1 65 ? -3.274  6.691   -7.050  1.00 12.92 ? 65  ASN A OD1 1 
ATOM   509 N ND2 . ASN A 1 65 ? -1.742  8.034   -6.158  1.00 11.68 ? 65  ASN A ND2 1 
ATOM   510 N N   . PHE A 1 66 ? -0.625  2.550   -5.358  1.00 8.38  ? 66  PHE A N   1 
ATOM   511 C CA  . PHE A 1 66 ? 0.415   1.560   -5.046  1.00 8.52  ? 66  PHE A CA  1 
ATOM   512 C C   . PHE A 1 66 ? 0.903   0.940   -6.322  1.00 7.59  ? 66  PHE A C   1 
ATOM   513 O O   . PHE A 1 66 ? 0.139   0.752   -7.267  1.00 9.47  ? 66  PHE A O   1 
ATOM   514 C CB  . PHE A 1 66 ? -0.178  0.434   -4.163  1.00 8.24  ? 66  PHE A CB  1 
ATOM   515 C CG  . PHE A 1 66 ? -0.560  0.914   -2.795  1.00 12.28 ? 66  PHE A CG  1 
ATOM   516 C CD1 . PHE A 1 66 ? -1.749  1.576   -2.559  1.00 14.33 ? 66  PHE A CD1 1 
ATOM   517 C CD2 . PHE A 1 66 ? 0.301   0.696   -1.725  1.00 16.30 ? 66  PHE A CD2 1 
ATOM   518 C CE1 . PHE A 1 66 ? -2.085  2.052   -1.292  1.00 15.74 ? 66  PHE A CE1 1 
ATOM   519 C CE2 . PHE A 1 66 ? -0.029  1.152   -0.462  1.00 17.78 ? 66  PHE A CE2 1 
ATOM   520 C CZ  . PHE A 1 66 ? -1.220  1.815   -0.234  1.00 18.30 ? 66  PHE A CZ  1 
ATOM   521 N N   . ARG A 1 67 ? 2.184   0.642   -6.361  1.00 8.96  ? 67  ARG A N   1 
ATOM   522 C CA  . ARG A 1 67 ? 2.794   0.014   -7.542  1.00 10.25 ? 67  ARG A CA  1 
ATOM   523 C C   . ARG A 1 67 ? 3.590   -1.150  -6.958  1.00 12.08 ? 67  ARG A C   1 
ATOM   524 O O   . ARG A 1 67 ? 4.324   -0.970  -5.975  1.00 10.44 ? 67  ARG A O   1 
ATOM   525 C CB  . ARG A 1 67 ? 3.674   1.025   -8.239  1.00 10.51 ? 67  ARG A CB  1 
ATOM   526 C CG  . ARG A 1 67 ? 4.387   0.508   -9.464  1.00 13.26 ? 67  ARG A CG  1 
ATOM   527 C CD  . ARG A 1 67 ? 5.015   1.686   -10.190 1.00 16.23 ? 67  ARG A CD  1 
ATOM   528 N NE  . ARG A 1 67 ? 5.718   1.270   -11.387 1.00 23.16 ? 67  ARG A NE  1 
ATOM   529 C CZ  . ARG A 1 67 ? 7.030   1.157   -11.537 1.00 26.20 ? 67  ARG A CZ  1 
ATOM   530 N NH1 . ARG A 1 67 ? 7.864   1.412   -10.545 1.00 29.85 ? 67  ARG A NH1 1 
ATOM   531 N NH2 . ARG A 1 67 ? 7.503   0.795   -12.719 1.00 27.76 ? 67  ARG A NH2 1 
ATOM   532 N N   . PHE A 1 68 ? 3.440   -2.350  -7.513  1.00 10.62 ? 68  PHE A N   1 
ATOM   533 C CA  . PHE A 1 68 ? 4.189   -3.451  -6.917  1.00 11.52 ? 68  PHE A CA  1 
ATOM   534 C C   . PHE A 1 68 ? 4.740   -4.434  -7.914  1.00 10.36 ? 68  PHE A C   1 
ATOM   535 O O   . PHE A 1 68 ? 4.318   -4.458  -9.076  1.00 13.00 ? 68  PHE A O   1 
ATOM   536 C CB  . PHE A 1 68 ? 3.335   -4.189  -5.889  1.00 11.79 ? 68  PHE A CB  1 
ATOM   537 C CG  . PHE A 1 68 ? 2.062   -4.793  -6.410  1.00 14.44 ? 68  PHE A CG  1 
ATOM   538 C CD1 . PHE A 1 68 ? 2.090   -5.932  -7.198  1.00 13.51 ? 68  PHE A CD1 1 
ATOM   539 C CD2 . PHE A 1 68 ? 0.833   -4.254  -6.060  1.00 13.49 ? 68  PHE A CD2 1 
ATOM   540 C CE1 . PHE A 1 68 ? 0.929   -6.533  -7.649  1.00 18.42 ? 68  PHE A CE1 1 
ATOM   541 C CE2 . PHE A 1 68 ? -0.337  -4.822  -6.514  1.00 16.30 ? 68  PHE A CE2 1 
ATOM   542 C CZ  . PHE A 1 68 ? -0.298  -5.963  -7.314  1.00 18.35 ? 68  PHE A CZ  1 
ATOM   543 N N   . LEU A 1 69 ? 5.634   -5.251  -7.402  1.00 11.01 ? 69  LEU A N   1 
ATOM   544 C CA  . LEU A 1 69 ? 6.290   -6.301  -8.161  1.00 13.21 ? 69  LEU A CA  1 
ATOM   545 C C   . LEU A 1 69 ? 6.180   -7.562  -7.298  1.00 10.73 ? 69  LEU A C   1 
ATOM   546 O O   . LEU A 1 69 ? 6.503   -7.531  -6.113  1.00 10.69 ? 69  LEU A O   1 
ATOM   547 C CB  . LEU A 1 69 ? 7.766   -5.994  -8.410  1.00 14.87 ? 69  LEU A CB  1 
ATOM   548 C CG  . LEU A 1 69 ? 8.112   -5.006  -9.530  1.00 23.06 ? 69  LEU A CG  1 
ATOM   549 C CD1 . LEU A 1 69 ? 8.369   -3.597  -9.009  1.00 21.56 ? 69  LEU A CD1 1 
ATOM   550 C CD2 . LEU A 1 69 ? 9.350   -5.530  -10.262 1.00 25.30 ? 69  LEU A CD2 1 
ATOM   551 N N   . THR A 1 70 ? 5.724   -8.635  -7.898  1.00 11.25 ? 70  THR A N   1 
ATOM   552 C CA  . THR A 1 70 ? 5.577   -9.893  -7.159  1.00 12.14 ? 70  THR A CA  1 
ATOM   553 C C   . THR A 1 70 ? 6.756   -10.832 -7.448  1.00 14.09 ? 70  THR A C   1 
ATOM   554 O O   . THR A 1 70 ? 7.465   -10.687 -8.466  1.00 14.68 ? 70  THR A O   1 
ATOM   555 C CB  . THR A 1 70 ? 4.287   -10.603 -7.567  1.00 10.24 ? 70  THR A CB  1 
ATOM   556 O OG1 . THR A 1 70 ? 4.427   -11.120 -8.894  1.00 10.36 ? 70  THR A OG1 1 
ATOM   557 C CG2 . THR A 1 70 ? 3.129   -9.610  -7.556  1.00 9.98  ? 70  THR A CG2 1 
ATOM   558 N N   . GLU A 1 71 ? 6.922   -11.816 -6.575  1.00 15.75 ? 71  GLU A N   1 
ATOM   559 C CA  . GLU A 1 71 ? 8.023   -12.782 -6.742  1.00 17.16 ? 71  GLU A CA  1 
ATOM   560 C C   . GLU A 1 71 ? 7.888   -13.606 -7.996  1.00 19.14 ? 71  GLU A C   1 
ATOM   561 O O   . GLU A 1 71 ? 8.905   -14.006 -8.597  1.00 19.63 ? 71  GLU A O   1 
ATOM   562 C CB  . GLU A 1 71 ? 8.173   -13.614 -5.471  1.00 18.03 ? 71  GLU A CB  1 
ATOM   563 C CG  . GLU A 1 71 ? 8.854   -12.803 -4.358  1.00 23.50 ? 71  GLU A CG  1 
ATOM   564 C CD  . GLU A 1 71 ? 9.211   -13.653 -3.144  1.00 31.78 ? 71  GLU A CD  1 
ATOM   565 O OE1 . GLU A 1 71 ? 8.819   -14.849 -3.125  1.00 36.30 ? 71  GLU A OE1 1 
ATOM   566 O OE2 . GLU A 1 71 ? 9.876   -13.132 -2.216  1.00 33.92 ? 71  GLU A OE2 1 
ATOM   567 N N   . LYS A 1 72 ? 6.668   -13.824 -8.499  1.00 19.97 ? 72  LYS A N   1 
ATOM   568 C CA  . LYS A 1 72 ? 6.564   -14.582 -9.747  1.00 22.59 ? 72  LYS A CA  1 
ATOM   569 C C   . LYS A 1 72 ? 6.649   -13.701 -10.986 1.00 23.66 ? 72  LYS A C   1 
ATOM   570 O O   . LYS A 1 72 ? 6.502   -14.210 -12.104 1.00 27.79 ? 72  LYS A O   1 
ATOM   571 C CB  . LYS A 1 72 ? 5.307   -15.445 -9.807  1.00 21.80 ? 72  LYS A CB  1 
ATOM   572 C CG  . LYS A 1 72 ? 5.220   -16.428 -8.637  1.00 23.66 ? 72  LYS A CG  1 
ATOM   573 C CD  . LYS A 1 72 ? 3.936   -17.235 -8.744  1.00 23.46 ? 72  LYS A CD  1 
ATOM   574 C CE  . LYS A 1 72 ? 3.880   -18.301 -7.673  1.00 23.19 ? 72  LYS A CE  1 
ATOM   575 N NZ  . LYS A 1 72 ? 2.642   -19.117 -7.826  1.00 26.54 ? 72  LYS A NZ  1 
ATOM   576 N N   . GLY A 1 73 ? 6.862   -12.395 -10.859 1.00 21.53 ? 73  GLY A N   1 
ATOM   577 C CA  . GLY A 1 73 ? 6.996   -11.550 -12.018 1.00 22.44 ? 73  GLY A CA  1 
ATOM   578 C C   . GLY A 1 73 ? 5.888   -10.596 -12.380 1.00 25.33 ? 73  GLY A C   1 
ATOM   579 O O   . GLY A 1 73 ? 5.950   -9.962  -13.448 1.00 27.45 ? 73  GLY A O   1 
ATOM   580 N N   . MET A 1 74 ? 4.850   -10.457 -11.562 1.00 23.89 ? 74  MET A N   1 
ATOM   581 C CA  . MET A 1 74 ? 3.779   -9.534  -11.918 1.00 23.27 ? 74  MET A CA  1 
ATOM   582 C C   . MET A 1 74 ? 4.164   -8.121  -11.457 1.00 21.00 ? 74  MET A C   1 
ATOM   583 O O   . MET A 1 74 ? 4.753   -7.938  -10.423 1.00 17.45 ? 74  MET A O   1 
ATOM   584 C CB  . MET A 1 74 ? 2.449   -9.965  -11.314 1.00 28.79 ? 74  MET A CB  1 
ATOM   585 C CG  . MET A 1 74 ? 1.634   -10.949 -12.172 1.00 33.59 ? 74  MET A CG  1 
ATOM   586 S SD  . MET A 1 74 ? 1.028   -10.136 -13.686 1.00 43.09 ? 74  MET A SD  1 
ATOM   587 C CE  . MET A 1 74 ? 2.192   -10.813 -14.891 1.00 39.32 ? 74  MET A CE  1 
ATOM   588 N N   . LYS A 1 75 ? 3.794   -7.153  -12.287 1.00 20.07 ? 75  LYS A N   1 
ATOM   589 C CA  . LYS A 1 75 ? 4.087   -5.744  -12.023 1.00 19.36 ? 75  LYS A CA  1 
ATOM   590 C C   . LYS A 1 75 ? 2.760   -5.031  -12.316 1.00 19.96 ? 75  LYS A C   1 
ATOM   591 O O   . LYS A 1 75 ? 2.193   -5.270  -13.387 1.00 22.60 ? 75  LYS A O   1 
ATOM   592 C CB  . LYS A 1 75 ? 5.129   -5.259  -13.002 1.00 18.66 ? 75  LYS A CB  1 
ATOM   593 C CG  . LYS A 1 75 ? 5.298   -3.764  -13.101 1.00 27.50 ? 75  LYS A CG  1 
ATOM   594 C CD  . LYS A 1 75 ? 6.267   -3.235  -12.056 1.00 33.77 ? 75  LYS A CD  1 
ATOM   595 C CE  . LYS A 1 75 ? 5.670   -2.012  -11.378 1.00 35.27 ? 75  LYS A CE  1 
ATOM   596 N NZ  . LYS A 1 75 ? 4.344   -2.344  -10.781 1.00 36.91 ? 75  LYS A NZ  1 
ATOM   597 N N   . ASN A 1 76 ? 2.254   -4.274  -11.363 1.00 17.32 ? 76  ASN A N   1 
ATOM   598 C CA  . ASN A 1 76 ? 0.974   -3.589  -11.587 1.00 16.35 ? 76  ASN A CA  1 
ATOM   599 C C   . ASN A 1 76 ? 0.944   -2.269  -10.805 1.00 15.25 ? 76  ASN A C   1 
ATOM   600 O O   . ASN A 1 76 ? 1.560   -2.160  -9.750  1.00 12.00 ? 76  ASN A O   1 
ATOM   601 C CB  . ASN A 1 76 ? -0.194  -4.387  -11.012 1.00 15.31 ? 76  ASN A CB  1 
ATOM   602 C CG  . ASN A 1 76 ? -0.537  -5.628  -11.781 1.00 20.72 ? 76  ASN A CG  1 
ATOM   603 O OD1 . ASN A 1 76 ? -0.652  -5.569  -13.004 1.00 22.53 ? 76  ASN A OD1 1 
ATOM   604 N ND2 . ASN A 1 76 ? -0.720  -6.729  -11.056 1.00 21.85 ? 76  ASN A ND2 1 
ATOM   605 N N   . VAL A 1 77 ? 0.076   -1.398  -11.285 1.00 13.17 ? 77  VAL A N   1 
ATOM   606 C CA  . VAL A 1 77 ? -0.176  -0.099  -10.673 1.00 12.54 ? 77  VAL A CA  1 
ATOM   607 C C   . VAL A 1 77 ? -1.679  0.000   -10.338 1.00 13.86 ? 77  VAL A C   1 
ATOM   608 O O   . VAL A 1 77 ? -2.501  -0.308  -11.208 1.00 13.35 ? 77  VAL A O   1 
ATOM   609 C CB  . VAL A 1 77 ? 0.171   1.051   -11.633 1.00 14.03 ? 77  VAL A CB  1 
ATOM   610 C CG1 . VAL A 1 77 ? -0.377  2.366   -11.042 1.00 13.08 ? 77  VAL A CG1 1 
ATOM   611 C CG2 . VAL A 1 77 ? 1.687   1.151   -11.798 1.00 12.90 ? 77  VAL A CG2 1 
ATOM   612 N N   . PHE A 1 78 ? -2.012  0.346   -9.090  1.00 10.62 ? 78  PHE A N   1 
ATOM   613 C CA  . PHE A 1 78 ? -3.412  0.491   -8.720  1.00 12.14 ? 78  PHE A CA  1 
ATOM   614 C C   . PHE A 1 78 ? -3.573  1.911   -8.177  1.00 12.20 ? 78  PHE A C   1 
ATOM   615 O O   . PHE A 1 78 ? -2.984  2.284   -7.156  1.00 12.24 ? 78  PHE A O   1 
ATOM   616 C CB  . PHE A 1 78 ? -3.933  -0.530  -7.712  1.00 10.61 ? 78  PHE A CB  1 
ATOM   617 C CG  . PHE A 1 78 ? -4.089  -1.909  -8.294  1.00 15.25 ? 78  PHE A CG  1 
ATOM   618 C CD1 . PHE A 1 78 ? -5.236  -2.251  -8.995  1.00 16.99 ? 78  PHE A CD1 1 
ATOM   619 C CD2 . PHE A 1 78 ? -3.083  -2.858  -8.190  1.00 16.95 ? 78  PHE A CD2 1 
ATOM   620 C CE1 . PHE A 1 78 ? -5.402  -3.505  -9.540  1.00 14.58 ? 78  PHE A CE1 1 
ATOM   621 C CE2 . PHE A 1 78 ? -3.237  -4.122  -8.752  1.00 14.94 ? 78  PHE A CE2 1 
ATOM   622 C CZ  . PHE A 1 78 ? -4.392  -4.443  -9.410  1.00 14.62 ? 78  PHE A CZ  1 
ATOM   623 N N   . ASP A 1 79 ? -4.335  2.708   -8.908  1.00 11.42 ? 79  ASP A N   1 
ATOM   624 C CA  . ASP A 1 79 ? -4.545  4.089   -8.515  1.00 15.10 ? 79  ASP A CA  1 
ATOM   625 C C   . ASP A 1 79 ? -5.729  4.308   -7.576  1.00 13.82 ? 79  ASP A C   1 
ATOM   626 O O   . ASP A 1 79 ? -6.742  3.607   -7.657  1.00 12.82 ? 79  ASP A O   1 
ATOM   627 C CB  . ASP A 1 79 ? -4.688  5.007   -9.731  1.00 18.40 ? 79  ASP A CB  1 
ATOM   628 C CG  . ASP A 1 79 ? -3.356  5.292   -10.407 1.00 20.64 ? 79  ASP A CG  1 
ATOM   629 O OD1 . ASP A 1 79 ? -2.279  5.226   -9.775  1.00 22.57 ? 79  ASP A OD1 1 
ATOM   630 O OD2 . ASP A 1 79 ? -3.410  5.623   -11.604 1.00 24.65 ? 79  ASP A OD2 1 
ATOM   631 N N   . ASP A 1 80 ? -5.536  5.249   -6.665  1.00 14.57 ? 80  ASP A N   1 
ATOM   632 C CA  . ASP A 1 80 ? -6.472  5.662   -5.640  1.00 15.63 ? 80  ASP A CA  1 
ATOM   633 C C   . ASP A 1 80 ? -7.184  4.529   -4.951  1.00 15.49 ? 80  ASP A C   1 
ATOM   634 O O   . ASP A 1 80 ? -8.384  4.603   -4.705  1.00 16.49 ? 80  ASP A O   1 
ATOM   635 C CB  . ASP A 1 80 ? -7.501  6.650   -6.214  1.00 22.49 ? 80  ASP A CB  1 
ATOM   636 C CG  . ASP A 1 80 ? -6.887  7.948   -6.698  1.00 28.84 ? 80  ASP A CG  1 
ATOM   637 O OD1 . ASP A 1 80 ? -5.664  8.187   -6.596  1.00 33.27 ? 80  ASP A OD1 1 
ATOM   638 O OD2 . ASP A 1 80 ? -7.646  8.813   -7.193  1.00 37.27 ? 80  ASP A OD2 1 
ATOM   639 N N   . VAL A 1 81 ? -6.463  3.467   -4.567  1.00 14.77 ? 81  VAL A N   1 
ATOM   640 C CA  . VAL A 1 81 ? -7.006  2.323   -3.891  1.00 14.73 ? 81  VAL A CA  1 
ATOM   641 C C   . VAL A 1 81 ? -7.346  2.588   -2.428  1.00 12.94 ? 81  VAL A C   1 
ATOM   642 O O   . VAL A 1 81 ? -8.302  2.005   -1.961  1.00 14.15 ? 81  VAL A O   1 
ATOM   643 C CB  . VAL A 1 81 ? -6.109  1.060   -3.826  1.00 14.54 ? 81  VAL A CB  1 
ATOM   644 C CG1 . VAL A 1 81 ? -6.797  -0.045  -4.605  1.00 17.54 ? 81  VAL A CG1 1 
ATOM   645 C CG2 . VAL A 1 81 ? -4.764  1.338   -4.409  1.00 15.86 ? 81  VAL A CG2 1 
ATOM   646 N N   . VAL A 1 82 ? -6.506  3.371   -1.750  1.00 11.48 ? 82  VAL A N   1 
ATOM   647 C CA  . VAL A 1 82 ? -6.783  3.649   -0.340  1.00 10.08 ? 82  VAL A CA  1 
ATOM   648 C C   . VAL A 1 82 ? -7.174  5.108   -0.289  1.00 12.49 ? 82  VAL A C   1 
ATOM   649 O O   . VAL A 1 82 ? -6.419  5.949   -0.769  1.00 16.84 ? 82  VAL A O   1 
ATOM   650 C CB  . VAL A 1 82 ? -5.587  3.350   0.547   1.00 9.57  ? 82  VAL A CB  1 
ATOM   651 C CG1 . VAL A 1 82 ? -5.850  3.893   1.945   1.00 7.91  ? 82  VAL A CG1 1 
ATOM   652 C CG2 . VAL A 1 82 ? -5.429  1.827   0.637   1.00 11.19 ? 82  VAL A CG2 1 
ATOM   653 N N   . PRO A 1 83 ? -8.335  5.391   0.266   1.00 15.49 ? 83  PRO A N   1 
ATOM   654 C CA  . PRO A 1 83 ? -8.850  6.744   0.328   1.00 15.10 ? 83  PRO A CA  1 
ATOM   655 C C   . PRO A 1 83 ? -8.152  7.610   1.333   1.00 16.32 ? 83  PRO A C   1 
ATOM   656 O O   . PRO A 1 83 ? -7.494  7.151   2.231   1.00 16.53 ? 83  PRO A O   1 
ATOM   657 C CB  . PRO A 1 83 ? -10.325 6.555   0.652   1.00 16.33 ? 83  PRO A CB  1 
ATOM   658 C CG  . PRO A 1 83 ? -10.583 5.098   0.648   1.00 17.45 ? 83  PRO A CG  1 
ATOM   659 C CD  . PRO A 1 83 ? -9.273  4.423   0.869   1.00 16.10 ? 83  PRO A CD  1 
ATOM   660 N N   . GLU A 1 84 ? -8.348  8.923   1.172   1.00 19.68 ? 84  GLU A N   1 
ATOM   661 C CA  . GLU A 1 84 ? -7.761  9.881   2.092   1.00 22.86 ? 84  GLU A CA  1 
ATOM   662 C C   . GLU A 1 84 ? -8.233  9.563   3.503   1.00 22.54 ? 84  GLU A C   1 
ATOM   663 O O   . GLU A 1 84 ? -7.444  9.412   4.432   1.00 25.04 ? 84  GLU A O   1 
ATOM   664 C CB  . GLU A 1 84 ? -8.239  11.264  1.668   1.00 26.73 ? 84  GLU A CB  1 
ATOM   665 C CG  . GLU A 1 84 ? -7.710  12.430  2.439   1.00 34.06 ? 84  GLU A CG  1 
ATOM   666 C CD  . GLU A 1 84 ? -8.214  13.731  1.829   1.00 40.95 ? 84  GLU A CD  1 
ATOM   667 O OE1 . GLU A 1 84 ? -9.356  13.738  1.316   1.00 42.98 ? 84  GLU A OE1 1 
ATOM   668 O OE2 . GLU A 1 84 ? -7.450  14.716  1.862   1.00 46.27 ? 84  GLU A OE2 1 
ATOM   669 N N   . LYS A 1 85 ? -9.542  9.409   3.659   1.00 22.76 ? 85  LYS A N   1 
ATOM   670 C CA  . LYS A 1 85 ? -10.134 9.090   4.950   1.00 24.72 ? 85  LYS A CA  1 
ATOM   671 C C   . LYS A 1 85 ? -10.403 7.594   4.997   1.00 21.59 ? 85  LYS A C   1 
ATOM   672 O O   . LYS A 1 85 ? -11.491 7.155   4.664   1.00 22.05 ? 85  LYS A O   1 
ATOM   673 C CB  . LYS A 1 85 ? -11.508 9.775   5.114   1.00 30.29 ? 85  LYS A CB  1 
ATOM   674 C CG  . LYS A 1 85 ? -11.580 11.267  4.884   1.00 34.80 ? 85  LYS A CG  1 
ATOM   675 C CD  . LYS A 1 85 ? -10.639 12.062  5.770   1.00 39.87 ? 85  LYS A CD  1 
ATOM   676 C CE  . LYS A 1 85 ? -10.887 13.567  5.639   1.00 44.73 ? 85  LYS A CE  1 
ATOM   677 N NZ  . LYS A 1 85 ? -10.732 14.080  4.245   1.00 46.40 ? 85  LYS A NZ  1 
ATOM   678 N N   . TYR A 1 86 ? -9.384  6.828   5.359   1.00 20.82 ? 86  TYR A N   1 
ATOM   679 C CA  . TYR A 1 86 ? -9.531  5.376   5.427   1.00 17.66 ? 86  TYR A CA  1 
ATOM   680 C C   . TYR A 1 86 ? -9.880  4.982   6.864   1.00 19.30 ? 86  TYR A C   1 
ATOM   681 O O   . TYR A 1 86 ? -9.781  5.800   7.793   1.00 19.75 ? 86  TYR A O   1 
ATOM   682 C CB  . TYR A 1 86 ? -8.214  4.701   5.033   1.00 15.45 ? 86  TYR A CB  1 
ATOM   683 C CG  . TYR A 1 86 ? -6.998  5.203   5.772   1.00 18.97 ? 86  TYR A CG  1 
ATOM   684 C CD1 . TYR A 1 86 ? -6.774  4.827   7.095   1.00 23.63 ? 86  TYR A CD1 1 
ATOM   685 C CD2 . TYR A 1 86 ? -6.063  6.043   5.184   1.00 18.65 ? 86  TYR A CD2 1 
ATOM   686 C CE1 . TYR A 1 86 ? -5.689  5.274   7.819   1.00 22.94 ? 86  TYR A CE1 1 
ATOM   687 C CE2 . TYR A 1 86 ? -4.972  6.520   5.896   1.00 21.22 ? 86  TYR A CE2 1 
ATOM   688 C CZ  . TYR A 1 86 ? -4.787  6.128   7.208   1.00 20.13 ? 86  TYR A CZ  1 
ATOM   689 O OH  . TYR A 1 86 ? -3.719  6.561   7.938   1.00 22.04 ? 86  TYR A OH  1 
ATOM   690 N N   . THR A 1 87 ? -10.275 3.737   7.060   1.00 18.72 ? 87  THR A N   1 
ATOM   691 C CA  . THR A 1 87 ? -10.577 3.247   8.387   1.00 18.76 ? 87  THR A CA  1 
ATOM   692 C C   . THR A 1 87 ? -9.654  2.083   8.734   1.00 18.51 ? 87  THR A C   1 
ATOM   693 O O   . THR A 1 87 ? -9.397  1.218   7.896   1.00 17.62 ? 87  THR A O   1 
ATOM   694 C CB  . THR A 1 87 ? -12.069 2.965   8.668   1.00 18.30 ? 87  THR A CB  1 
ATOM   695 O OG1 . THR A 1 87 ? -12.324 1.668   9.159   1.00 18.80 ? 87  THR A OG1 1 
ATOM   696 C CG2 . THR A 1 87 ? -12.956 3.328   7.518   1.00 13.21 ? 87  THR A CG2 1 
ATOM   697 N N   . ILE A 1 88 ? -9.088  2.127   9.943   1.00 18.42 ? 88  ILE A N   1 
ATOM   698 C CA  . ILE A 1 88 ? -8.192  1.064   10.399  1.00 19.08 ? 88  ILE A CA  1 
ATOM   699 C C   . ILE A 1 88 ? -8.933  -0.255  10.412  1.00 18.58 ? 88  ILE A C   1 
ATOM   700 O O   . ILE A 1 88 ? -10.082 -0.313  10.861  1.00 19.30 ? 88  ILE A O   1 
ATOM   701 C CB  . ILE A 1 88 ? -7.549  1.354   11.783  1.00 19.84 ? 88  ILE A CB  1 
ATOM   702 C CG1 . ILE A 1 88 ? -6.216  2.105   11.605  1.00 20.24 ? 88  ILE A CG1 1 
ATOM   703 C CG2 . ILE A 1 88 ? -7.204  0.102   12.584  1.00 16.85 ? 88  ILE A CG2 1 
ATOM   704 C CD1 . ILE A 1 88 ? -6.324  3.585   11.484  1.00 20.16 ? 88  ILE A CD1 1 
ATOM   705 N N   . GLY A 1 89 ? -8.284  -1.295  9.873   1.00 19.15 ? 89  GLY A N   1 
ATOM   706 C CA  . GLY A 1 89 ? -8.823  -2.625  9.812   1.00 15.97 ? 89  GLY A CA  1 
ATOM   707 C C   . GLY A 1 89 ? -9.667  -2.943  8.579   1.00 12.39 ? 89  GLY A C   1 
ATOM   708 O O   . GLY A 1 89 ? -9.980  -4.098  8.370   1.00 11.06 ? 89  GLY A O   1 
ATOM   709 N N   . ALA A 1 90 ? -10.028 -1.930  7.791   1.00 11.39 ? 90  ALA A N   1 
ATOM   710 C CA  . ALA A 1 90 ? -10.856 -2.198  6.600   1.00 9.56  ? 90  ALA A CA  1 
ATOM   711 C C   . ALA A 1 90 ? -10.012 -2.633  5.413   1.00 9.44  ? 90  ALA A C   1 
ATOM   712 O O   . ALA A 1 90 ? -8.835  -2.300  5.277   1.00 9.28  ? 90  ALA A O   1 
ATOM   713 C CB  . ALA A 1 90 ? -11.630 -0.912  6.254   1.00 7.38  ? 90  ALA A CB  1 
ATOM   714 N N   . THR A 1 91 ? -10.579 -3.462  4.557   1.00 12.38 ? 91  THR A N   1 
ATOM   715 C CA  . THR A 1 91 ? -9.883  -3.973  3.378   1.00 13.92 ? 91  THR A CA  1 
ATOM   716 C C   . THR A 1 91 ? -10.334 -3.212  2.133   1.00 16.37 ? 91  THR A C   1 
ATOM   717 O O   . THR A 1 91 ? -11.546 -2.952  1.948   1.00 14.21 ? 91  THR A O   1 
ATOM   718 C CB  . THR A 1 91 ? -10.159 -5.473  3.228   1.00 13.05 ? 91  THR A CB  1 
ATOM   719 O OG1 . THR A 1 91 ? -9.572  -6.161  4.352   1.00 17.79 ? 91  THR A OG1 1 
ATOM   720 C CG2 . THR A 1 91 ? -9.583  -6.061  1.949   1.00 12.96 ? 91  THR A CG2 1 
ATOM   721 N N   . TYR A 1 92 ? -9.365  -2.814  1.307   1.00 15.23 ? 92  TYR A N   1 
ATOM   722 C CA  . TYR A 1 92 ? -9.652  -2.103  0.079   1.00 15.34 ? 92  TYR A CA  1 
ATOM   723 C C   . TYR A 1 92 ? -9.140  -2.943  -1.074  1.00 16.61 ? 92  TYR A C   1 
ATOM   724 O O   . TYR A 1 92 ? -8.113  -3.594  -0.980  1.00 16.16 ? 92  TYR A O   1 
ATOM   725 C CB  . TYR A 1 92 ? -8.987  -0.722  0.039   1.00 11.39 ? 92  TYR A CB  1 
ATOM   726 C CG  . TYR A 1 92 ? -9.488  0.154   1.171   1.00 13.70 ? 92  TYR A CG  1 
ATOM   727 C CD1 . TYR A 1 92 ? -10.638 0.915   1.022   1.00 12.91 ? 92  TYR A CD1 1 
ATOM   728 C CD2 . TYR A 1 92 ? -8.817  0.200   2.397   1.00 12.86 ? 92  TYR A CD2 1 
ATOM   729 C CE1 . TYR A 1 92 ? -11.083 1.768   2.038   1.00 13.64 ? 92  TYR A CE1 1 
ATOM   730 C CE2 . TYR A 1 92 ? -9.255  1.028   3.423   1.00 13.89 ? 92  TYR A CE2 1 
ATOM   731 C CZ  . TYR A 1 92 ? -10.401 1.792   3.250   1.00 14.02 ? 92  TYR A CZ  1 
ATOM   732 O OH  . TYR A 1 92 ? -10.846 2.610   4.257   1.00 12.21 ? 92  TYR A OH  1 
ATOM   733 N N   . ALA A 1 93 ? -9.927  -2.966  -2.135  1.00 20.97 ? 93  ALA A N   1 
ATOM   734 C CA  . ALA A 1 93 ? -9.580  -3.742  -3.315  1.00 22.93 ? 93  ALA A CA  1 
ATOM   735 C C   . ALA A 1 93 ? -9.969  -2.909  -4.542  1.00 25.37 ? 93  ALA A C   1 
ATOM   736 O O   . ALA A 1 93 ? -10.879 -2.094  -4.490  1.00 26.27 ? 93  ALA A O   1 
ATOM   737 C CB  . ALA A 1 93 ? -10.310 -5.064  -3.328  1.00 20.26 ? 93  ALA A CB  1 
ATOM   738 N N   . PRO A 1 94 ? -9.173  -3.047  -5.630  1.00 29.21 ? 94  PRO A N   1 
ATOM   739 C CA  . PRO A 1 94 ? -9.511  -2.274  -6.840  1.00 33.18 ? 94  PRO A CA  1 
ATOM   740 C C   . PRO A 1 94 ? -10.833 -2.717  -7.487  1.00 35.91 ? 94  PRO A C   1 
ATOM   741 O O   . PRO A 1 94 ? -11.665 -1.842  -7.825  1.00 40.47 ? 94  PRO A O   1 
ATOM   742 C CB  . PRO A 1 94 ? -8.347  -2.541  -7.792  1.00 32.19 ? 94  PRO A CB  1 
ATOM   743 C CG  . PRO A 1 94 ? -7.871  -3.893  -7.340  1.00 34.97 ? 94  PRO A CG  1 
ATOM   744 C CD  . PRO A 1 94 ? -7.891  -3.801  -5.860  1.00 29.75 ? 94  PRO A CD  1 
HETATM 745 O O   . HOH B 2 .  ? -10.464 -6.247  6.887   1.00 9.22  ? 101 HOH A O   1 
HETATM 746 O O   . HOH B 2 .  ? 9.302   7.383   -9.558  1.00 11.49 ? 102 HOH A O   1 
HETATM 747 O O   . HOH B 2 .  ? 10.131  3.052   3.119   1.00 14.65 ? 103 HOH A O   1 
HETATM 748 O O   . HOH B 2 .  ? -5.263  -7.348  2.585   1.00 15.23 ? 104 HOH A O   1 
HETATM 749 O O   . HOH B 2 .  ? -13.216 -0.854  2.953   1.00 15.08 ? 105 HOH A O   1 
HETATM 750 O O   . HOH B 2 .  ? 5.028   9.738   -3.551  1.00 18.73 ? 106 HOH A O   1 
HETATM 751 O O   . HOH B 2 .  ? 0.281   -11.885 -1.312  1.00 21.00 ? 107 HOH A O   1 
HETATM 752 O O   . HOH B 2 .  ? 11.427  -2.288  -0.142  1.00 18.23 ? 108 HOH A O   1 
HETATM 753 O O   . HOH B 2 .  ? 4.366   13.160  2.717   1.00 22.85 ? 109 HOH A O   1 
HETATM 754 O O   . HOH B 2 .  ? -3.889  10.004  -5.818  1.00 21.46 ? 110 HOH A O   1 
HETATM 755 O O   . HOH B 2 .  ? 9.555   4.454   5.247   1.00 22.98 ? 111 HOH A O   1 
HETATM 756 O O   . HOH B 2 .  ? -1.633  7.607   6.351   1.00 24.16 ? 112 HOH A O   1 
HETATM 757 O O   . HOH B 2 .  ? 2.948   -8.566  1.010   1.00 24.50 ? 113 HOH A O   1 
HETATM 758 O O   . HOH B 2 .  ? 12.275  -3.170  2.338   1.00 30.45 ? 114 HOH A O   1 
HETATM 759 O O   . HOH B 2 .  ? -7.873  1.384   -7.598  1.00 27.65 ? 115 HOH A O   1 
HETATM 760 O O   . HOH B 2 .  ? 12.053  -4.852  -1.007  1.00 30.07 ? 116 HOH A O   1 
HETATM 761 O O   . HOH B 2 .  ? 6.970   -12.518 8.434   1.00 33.35 ? 117 HOH A O   1 
HETATM 762 O O   . HOH B 2 .  ? -14.102 -0.261  0.442   1.00 31.91 ? 118 HOH A O   1 
HETATM 763 O O   . HOH B 2 .  ? -10.259 9.707   -0.818  1.00 29.10 ? 119 HOH A O   1 
HETATM 764 O O   . HOH B 2 .  ? -11.658 10.131  1.809   1.00 31.18 ? 120 HOH A O   1 
HETATM 765 O O   . HOH B 2 .  ? -12.548 -1.304  -2.112  1.00 37.39 ? 121 HOH A O   1 
HETATM 766 O O   . HOH B 2 .  ? 8.711   2.645   7.138   1.00 29.90 ? 122 HOH A O   1 
HETATM 767 O O   . HOH B 2 .  ? -5.101  11.132  3.642   1.00 28.56 ? 123 HOH A O   1 
HETATM 768 O O   . HOH B 2 .  ? -10.193 5.542   -2.742  1.00 33.87 ? 124 HOH A O   1 
HETATM 769 O O   . HOH B 2 .  ? 10.600  -12.609 -10.842 1.00 43.68 ? 125 HOH A O   1 
HETATM 770 O O   . HOH B 2 .  ? -2.765  11.725  -8.454  1.00 33.80 ? 126 HOH A O   1 
HETATM 771 O O   . HOH B 2 .  ? 1.526   -14.373 -10.288 1.00 30.56 ? 127 HOH A O   1 
HETATM 772 O O   . HOH B 2 .  ? 8.275   -2.218  8.283   1.00 30.27 ? 128 HOH A O   1 
HETATM 773 O O   . HOH B 2 .  ? -6.163  -3.710  12.606  1.00 33.77 ? 129 HOH A O   1 
HETATM 774 O O   . HOH B 2 .  ? -10.152 1.480   -6.508  1.00 34.04 ? 130 HOH A O   1 
HETATM 775 O O   . HOH B 2 .  ? -10.653 0.921   -3.522  1.00 35.60 ? 131 HOH A O   1 
HETATM 776 O O   . HOH B 2 .  ? -6.498  -10.778 -1.841  1.00 32.98 ? 132 HOH A O   1 
HETATM 777 O O   . HOH B 2 .  ? 4.217   -0.224  -13.963 1.00 45.34 ? 133 HOH A O   1 
HETATM 778 O O   . HOH B 2 .  ? -12.979 -4.258  -0.437  1.00 32.97 ? 134 HOH A O   1 
HETATM 779 O O   . HOH B 2 .  ? -12.922 4.169   3.837   1.00 34.51 ? 135 HOH A O   1 
HETATM 780 O O   . HOH B 2 .  ? -11.860 0.464   12.910  1.00 33.48 ? 136 HOH A O   1 
HETATM 781 O O   . HOH B 2 .  ? 8.239   -13.122 11.700  1.00 44.65 ? 137 HOH A O   1 
HETATM 782 O O   . HOH B 2 .  ? -1.974  -15.817 -8.970  1.00 33.44 ? 138 HOH A O   1 
HETATM 783 O O   . HOH B 2 .  ? -5.513  6.857   11.043  1.00 44.41 ? 139 HOH A O   1 
HETATM 784 O O   . HOH B 2 .  ? 2.465   4.656   -13.693 1.00 47.90 ? 140 HOH A O   1 
HETATM 785 O O   . HOH B 2 .  ? 1.923   5.128   14.564  1.00 46.15 ? 141 HOH A O   1 
HETATM 786 O O   . HOH B 2 .  ? -6.725  14.325  -1.750  1.00 44.96 ? 142 HOH A O   1 
HETATM 787 O O   . HOH B 2 .  ? -14.352 4.057   1.628   1.00 41.82 ? 143 HOH A O   1 
HETATM 788 O O   . HOH B 2 .  ? -9.702  13.091  -1.172  1.00 38.44 ? 144 HOH A O   1 
HETATM 789 O O   . HOH B 2 .  ? 5.889   -7.621  4.055   1.00 37.03 ? 145 HOH A O   1 
HETATM 790 O O   . HOH B 2 .  ? 3.325   -11.094 0.132   1.00 37.46 ? 146 HOH A O   1 
HETATM 791 O O   . HOH B 2 .  ? -10.631 4.911   11.163  1.00 36.80 ? 147 HOH A O   1 
HETATM 792 O O   . HOH B 2 .  ? 11.107  -6.913  9.884   1.00 48.91 ? 148 HOH A O   1 
HETATM 793 O O   . HOH B 2 .  ? -1.574  -14.986 -1.315  1.00 57.48 ? 149 HOH A O   1 
HETATM 794 O O   . HOH B 2 .  ? -15.764 -10.547 -3.281  1.00 44.76 ? 150 HOH A O   1 
HETATM 795 O O   . HOH B 2 .  ? -8.982  -8.339  8.086   1.00 38.81 ? 151 HOH A O   1 
HETATM 796 O O   . HOH B 2 .  ? -3.194  11.062  11.880  1.00 49.88 ? 152 HOH A O   1 
HETATM 797 O O   . HOH B 2 .  ? -2.367  -19.401 -2.247  1.00 58.96 ? 153 HOH A O   1 
HETATM 798 O O   . HOH B 2 .  ? 11.750  -8.594  -1.264  1.00 38.05 ? 154 HOH A O   1 
HETATM 799 O O   . HOH B 2 .  ? -13.892 0.178   -3.764  1.00 55.22 ? 155 HOH A O   1 
HETATM 800 O O   . HOH B 2 .  ? -0.541  6.248   -12.301 1.00 56.24 ? 156 HOH A O   1 
HETATM 801 O O   . HOH B 2 .  ? -12.739 3.689   -1.198  1.00 64.31 ? 157 HOH A O   1 
# 
